data_7F5X
#
_entry.id   7F5X
#
loop_
_entity.id
_entity.type
_entity.pdbx_description
1 polymer 'Delta-1-pyrroline-5-carboxylate synthase'
2 non-polymer 'GAMMA-L-GLUTAMIC ACID'
#
_entity_poly.entity_id   1
_entity_poly.type   'polypeptide(L)'
_entity_poly.pdbx_seq_one_letter_code
;MLQNSFKLAQSLRNGFYRNAWRAFSSHGPRQPLVSPERRLEKAHPTFTERSQLKYARRLVVKLGSAVITREDNHGLALGR
LASIVEQVAECHLEGREVMMVTSGAVAFGKQKLAQELLMSLSMRETLNPKDSKEFDGATLEPRAAAAVGQSGLMSLYDAM
FAQYGVKIAQVLVTKPDFYNEETRNNLFCTLSELISLNIVPIINTNDAVSPPMFIRDDEPAGGARRGIPIKDNDSLSAML
AAEVQADLLILMSDVDGIYNKPPWEDGAKLMHTYTSDDSNSIEFGKKSKVGTGGMDSKVKAATWALDRGVSVVICNGMQE
KAIKTIIGGRKVGTFFTEATESANAVPVEVMAENARTGSRQMQALTPAQRASAVNTLADLLVSREKFILDANAKDLAEAQ
KSGLAKPLLSRLSLNPAKLKNLSVGLKQIAEDSHKNVGRVLRRTRLADQLELKQVTVPIGVLLVIFESRPDSLPQVAALA
MASANGLLLKGGKEAAHSNKALMELVKEALATVGAEHAVSLVSTREEISDLLSMENHIDLIIPRGSSDLVRSIQQQSLHI
PVLGHAEGVCHVYIDRDADLEKALRIARDAKCDYPAACNAMETLLIHEDLMSGAIFGDVCNMLKREGVKIYAGPRLNQQL
TFGPPAAKSLKHEYGALECCIEVVPSLDEAINHIHTYGSSHTDVIVTENDAAARQFLGSVDSACVFHNASSRFADGFRFG
LGAEVGISTARIHARGPVGVEGLLTTKWILEGQDHAAADFAEGGGRTWLHETLPLD
;
_entity_poly.pdbx_strand_id   A,B,C,D
#
# COMPACT_ATOMS: atom_id res chain seq x y z
N PRO A 45 15.53 -19.16 -34.86
CA PRO A 45 15.35 -19.88 -33.60
C PRO A 45 15.44 -21.38 -33.78
N THR A 46 14.63 -22.12 -33.02
CA THR A 46 14.59 -23.58 -33.14
C THR A 46 13.15 -24.05 -33.25
N PHE A 47 12.21 -23.25 -32.73
CA PHE A 47 10.81 -23.63 -32.78
C PHE A 47 10.25 -23.45 -34.18
N THR A 48 9.46 -24.42 -34.63
CA THR A 48 8.82 -24.34 -35.93
C THR A 48 7.30 -24.42 -35.86
N GLU A 49 6.75 -25.38 -35.14
CA GLU A 49 5.31 -25.58 -35.06
C GLU A 49 4.81 -25.23 -33.66
N ARG A 50 3.52 -24.91 -33.59
CA ARG A 50 2.92 -24.54 -32.31
C ARG A 50 2.92 -25.68 -31.31
N SER A 51 3.10 -26.92 -31.75
CA SER A 51 3.18 -28.04 -30.81
C SER A 51 4.43 -27.96 -29.95
N GLN A 52 5.49 -27.33 -30.44
CA GLN A 52 6.74 -27.27 -29.69
C GLN A 52 6.72 -26.23 -28.59
N LEU A 53 5.75 -25.31 -28.61
CA LEU A 53 5.77 -24.17 -27.69
C LEU A 53 5.54 -24.54 -26.26
N LYS A 54 5.50 -25.81 -25.86
CA LYS A 54 5.44 -26.17 -24.47
C LYS A 54 6.82 -26.23 -23.82
N TYR A 55 7.89 -26.07 -24.61
CA TYR A 55 9.25 -26.18 -24.11
C TYR A 55 10.00 -24.86 -24.16
N ALA A 56 9.28 -23.74 -24.09
CA ALA A 56 9.94 -22.44 -24.01
C ALA A 56 10.22 -22.09 -22.56
N ARG A 57 11.47 -21.76 -22.27
CA ARG A 57 11.92 -21.56 -20.89
C ARG A 57 12.08 -20.10 -20.52
N ARG A 58 11.77 -19.16 -21.41
CA ARG A 58 11.89 -17.75 -21.09
C ARG A 58 10.88 -16.97 -21.93
N LEU A 59 9.75 -16.63 -21.34
CA LEU A 59 8.75 -15.80 -22.00
C LEU A 59 9.08 -14.33 -21.82
N VAL A 60 8.52 -13.51 -22.71
CA VAL A 60 8.50 -12.06 -22.52
C VAL A 60 7.11 -11.59 -22.89
N VAL A 61 6.22 -11.45 -21.91
CA VAL A 61 4.90 -10.91 -22.18
C VAL A 61 5.02 -9.44 -22.53
N LYS A 62 3.95 -8.89 -23.12
CA LYS A 62 3.91 -7.46 -23.42
C LYS A 62 2.44 -7.05 -23.50
N LEU A 63 1.94 -6.47 -22.42
CA LEU A 63 0.54 -6.06 -22.36
C LEU A 63 0.36 -4.78 -23.15
N GLY A 64 -0.45 -4.83 -24.20
CA GLY A 64 -0.63 -3.68 -25.05
C GLY A 64 -1.44 -2.59 -24.39
N SER A 65 -1.20 -1.35 -24.81
CA SER A 65 -1.84 -0.18 -24.22
C SER A 65 -3.34 -0.14 -24.45
N ALA A 66 -3.89 -1.07 -25.22
CA ALA A 66 -5.33 -1.11 -25.47
C ALA A 66 -6.00 -2.30 -24.77
N VAL A 67 -5.24 -3.12 -24.07
CA VAL A 67 -5.80 -4.28 -23.38
C VAL A 67 -6.20 -3.93 -21.95
N ILE A 68 -5.35 -3.21 -21.23
CA ILE A 68 -5.56 -3.03 -19.80
C ILE A 68 -6.29 -1.73 -19.45
N THR A 69 -6.26 -0.72 -20.31
CA THR A 69 -6.96 0.53 -20.03
C THR A 69 -8.40 0.42 -20.52
N ARG A 70 -9.35 0.76 -19.64
CA ARG A 70 -10.75 0.65 -20.00
C ARG A 70 -11.07 1.61 -21.15
N GLU A 71 -12.29 1.49 -21.67
CA GLU A 71 -12.60 2.08 -22.96
C GLU A 71 -12.85 3.57 -22.86
N ASP A 72 -11.94 4.28 -22.19
CA ASP A 72 -11.92 5.74 -22.15
C ASP A 72 -10.52 6.32 -22.27
N ASN A 73 -9.47 5.51 -22.12
CA ASN A 73 -8.12 5.97 -21.80
C ASN A 73 -8.10 6.79 -20.51
N HIS A 74 -9.10 6.58 -19.65
CA HIS A 74 -9.30 7.35 -18.43
C HIS A 74 -9.62 6.43 -17.27
N GLY A 75 -8.85 5.36 -17.11
CA GLY A 75 -9.08 4.42 -16.04
C GLY A 75 -8.07 3.30 -16.05
N LEU A 76 -8.46 2.12 -15.57
CA LEU A 76 -7.57 0.96 -15.61
C LEU A 76 -8.47 -0.27 -15.46
N ALA A 77 -8.76 -0.92 -16.58
CA ALA A 77 -9.67 -2.07 -16.57
C ALA A 77 -9.12 -3.19 -15.71
N LEU A 78 -9.78 -3.48 -14.59
CA LEU A 78 -9.25 -4.46 -13.66
C LEU A 78 -9.48 -5.89 -14.10
N GLY A 79 -10.53 -6.15 -14.89
CA GLY A 79 -10.82 -7.49 -15.31
C GLY A 79 -9.69 -8.13 -16.09
N ARG A 80 -9.34 -7.53 -17.22
CA ARG A 80 -8.30 -8.09 -18.07
C ARG A 80 -6.94 -8.03 -17.37
N LEU A 81 -6.68 -6.97 -16.61
CA LEU A 81 -5.39 -6.87 -15.93
C LEU A 81 -5.22 -7.96 -14.89
N ALA A 82 -6.27 -8.21 -14.10
CA ALA A 82 -6.20 -9.28 -13.11
C ALA A 82 -6.10 -10.64 -13.77
N SER A 83 -6.82 -10.85 -14.89
CA SER A 83 -6.71 -12.13 -15.58
C SER A 83 -5.29 -12.36 -16.10
N ILE A 84 -4.68 -11.31 -16.65
CA ILE A 84 -3.35 -11.47 -17.22
C ILE A 84 -2.30 -11.66 -16.13
N VAL A 85 -2.45 -10.95 -15.01
CA VAL A 85 -1.53 -11.16 -13.89
C VAL A 85 -1.68 -12.58 -13.35
N GLU A 86 -2.92 -13.07 -13.28
CA GLU A 86 -3.14 -14.45 -12.83
C GLU A 86 -2.43 -15.43 -13.76
N GLN A 87 -2.61 -15.28 -15.07
CA GLN A 87 -1.98 -16.20 -16.00
C GLN A 87 -0.47 -16.12 -15.95
N VAL A 88 0.08 -14.91 -15.81
CA VAL A 88 1.54 -14.76 -15.81
C VAL A 88 2.14 -15.34 -14.52
N ALA A 89 1.51 -15.08 -13.37
CA ALA A 89 2.01 -15.65 -12.13
C ALA A 89 1.91 -17.17 -12.16
N GLU A 90 0.82 -17.70 -12.71
CA GLU A 90 0.69 -19.16 -12.79
C GLU A 90 1.75 -19.75 -13.71
N CYS A 91 2.02 -19.10 -14.84
CA CYS A 91 3.05 -19.59 -15.74
C CYS A 91 4.43 -19.48 -15.14
N HIS A 92 4.66 -18.48 -14.29
CA HIS A 92 5.96 -18.34 -13.64
C HIS A 92 6.14 -19.36 -12.53
N LEU A 93 5.08 -19.71 -11.81
CA LEU A 93 5.17 -20.78 -10.83
C LEU A 93 5.31 -22.16 -11.48
N GLU A 94 5.26 -22.24 -12.80
CA GLU A 94 5.39 -23.50 -13.52
C GLU A 94 6.83 -23.86 -13.84
N GLY A 95 7.76 -22.94 -13.64
CA GLY A 95 9.16 -23.18 -13.91
C GLY A 95 9.77 -22.24 -14.93
N ARG A 96 8.95 -21.58 -15.74
CA ARG A 96 9.47 -20.64 -16.72
C ARG A 96 9.96 -19.38 -16.01
N GLU A 97 10.50 -18.45 -16.80
CA GLU A 97 11.04 -17.20 -16.26
C GLU A 97 10.47 -16.06 -17.10
N VAL A 98 9.28 -15.59 -16.72
CA VAL A 98 8.59 -14.56 -17.48
C VAL A 98 9.14 -13.20 -17.13
N MET A 99 8.79 -12.19 -17.93
CA MET A 99 9.27 -10.83 -17.71
C MET A 99 8.31 -9.90 -18.42
N MET A 100 7.37 -9.32 -17.68
CA MET A 100 6.34 -8.51 -18.31
C MET A 100 6.92 -7.23 -18.88
N VAL A 101 6.22 -6.66 -19.85
CA VAL A 101 6.46 -5.31 -20.32
C VAL A 101 5.11 -4.60 -20.26
N THR A 102 4.78 -4.03 -19.11
CA THR A 102 3.48 -3.43 -18.92
C THR A 102 3.45 -2.05 -19.56
N SER A 103 2.52 -1.85 -20.47
CA SER A 103 2.26 -0.54 -21.02
C SER A 103 1.15 0.13 -20.24
N GLY A 104 0.75 1.32 -20.68
CA GLY A 104 -0.36 2.01 -20.06
C GLY A 104 -0.14 2.38 -18.61
N ALA A 105 0.78 3.29 -18.35
CA ALA A 105 0.95 3.87 -17.03
C ALA A 105 0.38 5.27 -16.92
N VAL A 106 0.12 5.93 -18.05
CA VAL A 106 -0.47 7.26 -18.03
C VAL A 106 -1.92 7.20 -17.56
N ALA A 107 -2.61 6.10 -17.84
CA ALA A 107 -4.02 6.00 -17.48
C ALA A 107 -4.20 5.99 -15.97
N PHE A 108 -3.34 5.24 -15.26
CA PHE A 108 -3.46 5.19 -13.81
C PHE A 108 -3.20 6.55 -13.19
N GLY A 109 -2.23 7.30 -13.73
CA GLY A 109 -1.96 8.63 -13.19
C GLY A 109 -3.09 9.60 -13.47
N LYS A 110 -3.64 9.54 -14.68
CA LYS A 110 -4.78 10.39 -15.02
C LYS A 110 -5.94 10.14 -14.06
N GLN A 111 -6.27 8.87 -13.82
CA GLN A 111 -7.38 8.57 -12.93
C GLN A 111 -7.04 8.87 -11.48
N LYS A 112 -5.77 8.73 -11.08
CA LYS A 112 -5.40 9.02 -9.70
C LYS A 112 -5.49 10.50 -9.42
N LEU A 113 -5.15 11.34 -10.40
CA LEU A 113 -5.31 12.78 -10.17
C LEU A 113 -6.78 13.17 -10.30
N ALA A 114 -7.32 13.15 -11.52
CA ALA A 114 -8.74 13.35 -11.76
C ALA A 114 -9.33 14.61 -11.14
N GLN A 115 -8.55 15.33 -10.32
CA GLN A 115 -9.03 16.53 -9.66
C GLN A 115 -8.11 17.72 -9.93
N GLU A 116 -6.81 17.50 -9.75
CA GLU A 116 -5.83 18.55 -9.97
C GLU A 116 -5.63 18.85 -11.45
N LEU A 117 -5.94 17.90 -12.33
CA LEU A 117 -6.00 18.18 -13.76
C LEU A 117 -7.28 18.93 -14.11
N LEU A 118 -8.38 18.60 -13.44
CA LEU A 118 -9.65 19.27 -13.70
C LEU A 118 -9.57 20.74 -13.30
N MET A 119 -9.20 21.02 -12.05
CA MET A 119 -9.11 22.39 -11.57
C MET A 119 -8.05 23.20 -12.31
N SER A 120 -7.15 22.56 -13.04
CA SER A 120 -6.13 23.26 -13.81
C SER A 120 -6.50 23.44 -15.27
N LEU A 121 -7.38 22.59 -15.81
CA LEU A 121 -7.81 22.74 -17.19
C LEU A 121 -8.69 23.96 -17.41
N SER A 122 -9.12 24.63 -16.35
CA SER A 122 -9.87 25.87 -16.48
C SER A 122 -9.02 27.12 -16.27
N MET A 123 -7.91 27.00 -15.54
CA MET A 123 -6.99 28.11 -15.32
C MET A 123 -5.79 28.09 -16.26
N ARG A 124 -5.61 27.02 -17.03
CA ARG A 124 -4.54 26.98 -18.01
C ARG A 124 -5.10 26.74 -19.41
N PRO A 142 0.73 15.60 -19.29
CA PRO A 142 0.79 14.17 -19.61
C PRO A 142 1.97 13.45 -18.95
N ARG A 143 3.15 14.07 -18.96
CA ARG A 143 4.31 13.44 -18.34
C ARG A 143 4.14 13.34 -16.83
N ALA A 144 3.51 14.34 -16.20
CA ALA A 144 3.24 14.27 -14.77
C ALA A 144 2.31 13.11 -14.46
N ALA A 145 1.25 12.97 -15.24
CA ALA A 145 0.36 11.83 -15.09
C ALA A 145 1.12 10.53 -15.27
N ALA A 146 2.05 10.49 -16.22
CA ALA A 146 2.83 9.28 -16.45
C ALA A 146 3.66 8.91 -15.24
N ALA A 147 4.30 9.90 -14.61
CA ALA A 147 5.12 9.62 -13.43
C ALA A 147 4.28 9.12 -12.26
N VAL A 148 3.25 9.88 -11.90
CA VAL A 148 2.37 9.47 -10.80
C VAL A 148 1.78 8.10 -11.07
N GLY A 149 1.41 7.84 -12.32
CA GLY A 149 0.84 6.55 -12.64
C GLY A 149 1.84 5.42 -12.55
N GLN A 150 3.08 5.66 -12.97
CA GLN A 150 4.08 4.61 -12.83
C GLN A 150 4.21 4.19 -11.39
N SER A 151 4.30 5.17 -10.48
CA SER A 151 4.40 4.83 -9.07
C SER A 151 3.20 4.00 -8.60
N GLY A 152 1.99 4.53 -8.82
CA GLY A 152 0.80 3.85 -8.32
C GLY A 152 0.60 2.47 -8.93
N LEU A 153 0.91 2.34 -10.21
CA LEU A 153 0.72 1.07 -10.90
C LEU A 153 1.71 0.03 -10.42
N MET A 154 2.94 0.45 -10.12
CA MET A 154 3.86 -0.51 -9.53
C MET A 154 3.37 -0.98 -8.17
N SER A 155 2.77 -0.08 -7.39
CA SER A 155 2.20 -0.51 -6.12
C SER A 155 1.10 -1.54 -6.33
N LEU A 156 0.21 -1.30 -7.29
CA LEU A 156 -0.92 -2.20 -7.50
C LEU A 156 -0.45 -3.56 -8.03
N TYR A 157 0.52 -3.55 -8.94
CA TYR A 157 1.11 -4.81 -9.40
C TYR A 157 1.75 -5.56 -8.25
N ASP A 158 2.43 -4.84 -7.36
CA ASP A 158 3.03 -5.49 -6.20
C ASP A 158 1.98 -6.23 -5.40
N ALA A 159 0.85 -5.57 -5.12
CA ALA A 159 -0.21 -6.23 -4.37
C ALA A 159 -0.73 -7.47 -5.11
N MET A 160 -1.17 -7.28 -6.36
CA MET A 160 -1.81 -8.37 -7.09
C MET A 160 -0.86 -9.47 -7.50
N PHE A 161 0.45 -9.27 -7.38
CA PHE A 161 1.40 -10.35 -7.65
C PHE A 161 1.79 -11.06 -6.37
N ALA A 162 2.11 -10.31 -5.31
CA ALA A 162 2.36 -10.95 -4.03
C ALA A 162 1.14 -11.70 -3.52
N GLN A 163 -0.03 -11.48 -4.11
CA GLN A 163 -1.15 -12.37 -3.79
C GLN A 163 -0.97 -13.77 -4.36
N TYR A 164 0.11 -14.03 -5.10
CA TYR A 164 0.43 -15.37 -5.58
C TYR A 164 1.77 -15.87 -5.06
N GLY A 165 2.44 -15.10 -4.20
CA GLY A 165 3.75 -15.46 -3.69
C GLY A 165 4.91 -14.83 -4.42
N VAL A 166 4.69 -14.34 -5.64
CA VAL A 166 5.78 -13.79 -6.43
C VAL A 166 6.19 -12.43 -5.89
N LYS A 167 7.40 -12.01 -6.25
CA LYS A 167 7.88 -10.65 -6.02
C LYS A 167 8.19 -10.02 -7.37
N ILE A 168 8.09 -8.70 -7.44
CA ILE A 168 8.36 -7.95 -8.67
C ILE A 168 9.38 -6.86 -8.37
N ALA A 169 9.89 -6.25 -9.44
CA ALA A 169 10.96 -5.28 -9.32
C ALA A 169 10.90 -4.36 -10.54
N GLN A 170 10.40 -3.14 -10.34
CA GLN A 170 10.24 -2.22 -11.45
C GLN A 170 11.57 -1.87 -12.06
N VAL A 171 11.76 -2.20 -13.32
CA VAL A 171 12.93 -1.81 -14.09
C VAL A 171 12.46 -0.80 -15.13
N LEU A 172 13.10 0.36 -15.16
CA LEU A 172 12.72 1.43 -16.07
C LEU A 172 13.82 1.66 -17.09
N VAL A 173 13.52 1.43 -18.36
CA VAL A 173 14.45 1.61 -19.46
C VAL A 173 13.82 2.52 -20.50
N THR A 174 14.60 2.87 -21.51
CA THR A 174 14.07 3.53 -22.69
C THR A 174 14.89 3.11 -23.90
N LYS A 175 14.32 3.30 -25.08
CA LYS A 175 14.96 2.84 -26.31
C LYS A 175 16.41 3.30 -26.46
N PRO A 176 16.80 4.53 -26.12
CA PRO A 176 18.22 4.88 -26.18
C PRO A 176 19.10 4.07 -25.24
N ASP A 177 18.54 3.43 -24.21
CA ASP A 177 19.36 2.62 -23.33
C ASP A 177 19.80 1.31 -23.97
N PHE A 178 19.27 0.97 -25.14
CA PHE A 178 19.62 -0.25 -25.83
C PHE A 178 20.60 -0.03 -26.97
N TYR A 179 21.21 1.15 -27.05
CA TYR A 179 22.12 1.49 -28.13
C TYR A 179 23.57 1.61 -27.70
N ASN A 180 23.83 2.25 -26.57
CA ASN A 180 25.19 2.29 -26.06
C ASN A 180 25.54 0.96 -25.40
N GLU A 181 26.83 0.61 -25.41
CA GLU A 181 27.25 -0.70 -24.94
C GLU A 181 27.31 -0.76 -23.42
N GLU A 182 27.72 0.32 -22.76
CA GLU A 182 27.82 0.32 -21.31
C GLU A 182 26.44 0.12 -20.67
N THR A 183 25.45 0.90 -21.12
CA THR A 183 24.11 0.75 -20.57
C THR A 183 23.51 -0.61 -20.91
N ARG A 184 23.81 -1.15 -22.10
CA ARG A 184 23.31 -2.47 -22.43
C ARG A 184 23.89 -3.54 -21.51
N ASN A 185 25.20 -3.46 -21.25
CA ASN A 185 25.82 -4.40 -20.32
C ASN A 185 25.20 -4.26 -18.93
N ASN A 186 25.03 -3.03 -18.46
CA ASN A 186 24.45 -2.81 -17.14
C ASN A 186 23.05 -3.39 -17.05
N LEU A 187 22.23 -3.13 -18.07
CA LEU A 187 20.85 -3.60 -18.04
C LEU A 187 20.78 -5.11 -18.11
N PHE A 188 21.63 -5.74 -18.93
CA PHE A 188 21.62 -7.20 -18.98
C PHE A 188 22.05 -7.81 -17.65
N CYS A 189 23.06 -7.20 -17.01
CA CYS A 189 23.47 -7.70 -15.71
C CYS A 189 22.35 -7.57 -14.70
N THR A 190 21.65 -6.43 -14.71
CA THR A 190 20.52 -6.24 -13.81
C THR A 190 19.46 -7.30 -14.04
N LEU A 191 19.07 -7.52 -15.29
CA LEU A 191 18.01 -8.47 -15.58
C LEU A 191 18.40 -9.89 -15.24
N SER A 192 19.67 -10.27 -15.44
CA SER A 192 20.08 -11.62 -15.09
C SER A 192 20.15 -11.81 -13.58
N GLU A 193 20.66 -10.80 -12.86
CA GLU A 193 20.67 -10.88 -11.40
C GLU A 193 19.26 -10.89 -10.84
N LEU A 194 18.29 -10.32 -11.57
CA LEU A 194 16.92 -10.32 -11.10
C LEU A 194 16.22 -11.64 -11.43
N ILE A 195 16.51 -12.22 -12.59
CA ILE A 195 15.92 -13.50 -12.95
C ILE A 195 16.45 -14.61 -12.06
N SER A 196 17.76 -14.59 -11.77
CA SER A 196 18.34 -15.63 -10.94
C SER A 196 17.89 -15.55 -9.49
N LEU A 197 17.04 -14.60 -9.13
CA LEU A 197 16.56 -14.42 -7.77
C LEU A 197 15.10 -14.78 -7.61
N ASN A 198 14.46 -15.33 -8.64
CA ASN A 198 13.03 -15.63 -8.63
C ASN A 198 12.23 -14.34 -8.41
N ILE A 199 12.40 -13.41 -9.35
CA ILE A 199 11.69 -12.15 -9.36
C ILE A 199 11.17 -11.92 -10.78
N VAL A 200 10.04 -11.21 -10.87
CA VAL A 200 9.43 -10.93 -12.16
C VAL A 200 9.63 -9.45 -12.48
N PRO A 201 10.64 -9.09 -13.26
CA PRO A 201 10.84 -7.67 -13.58
C PRO A 201 9.73 -7.14 -14.47
N ILE A 202 9.41 -5.88 -14.27
CA ILE A 202 8.32 -5.21 -14.99
C ILE A 202 8.94 -4.01 -15.68
N ILE A 203 9.13 -4.10 -16.99
CA ILE A 203 9.98 -3.19 -17.73
C ILE A 203 9.10 -2.14 -18.40
N ASN A 204 8.83 -1.05 -17.69
CA ASN A 204 8.16 0.09 -18.28
C ASN A 204 9.17 0.98 -18.99
N THR A 205 8.66 1.89 -19.81
CA THR A 205 9.50 2.86 -20.51
C THR A 205 9.66 4.11 -19.66
N ASN A 206 10.86 4.69 -19.67
CA ASN A 206 11.10 5.90 -18.90
C ASN A 206 10.20 7.02 -19.42
N ASP A 207 9.28 7.48 -18.58
CA ASP A 207 8.30 8.48 -19.02
C ASP A 207 8.88 9.89 -19.03
N ALA A 208 9.77 10.21 -18.10
CA ALA A 208 10.33 11.54 -17.98
C ALA A 208 11.42 11.84 -19.00
N VAL A 209 11.80 10.87 -19.82
CA VAL A 209 12.82 11.09 -20.84
C VAL A 209 12.22 10.59 -22.16
N SER A 210 10.90 10.65 -22.27
CA SER A 210 10.21 10.22 -23.48
C SER A 210 9.52 11.42 -24.12
N PRO A 211 9.76 11.70 -25.40
CA PRO A 211 9.16 12.82 -26.14
C PRO A 211 7.63 12.79 -26.10
N ASP A 232 3.87 3.00 -28.73
CA ASP A 232 3.13 1.95 -28.03
C ASP A 232 4.04 0.80 -27.63
N ASN A 233 5.21 1.15 -27.09
CA ASN A 233 6.26 0.24 -26.62
C ASN A 233 6.28 -1.22 -27.12
N ASP A 234 6.32 -1.38 -28.44
CA ASP A 234 6.38 -2.70 -29.06
C ASP A 234 7.76 -2.99 -29.64
N SER A 235 8.34 -2.03 -30.34
CA SER A 235 9.73 -2.16 -30.77
C SER A 235 10.65 -2.37 -29.58
N LEU A 236 10.37 -1.67 -28.48
CA LEU A 236 11.13 -1.89 -27.25
C LEU A 236 11.03 -3.32 -26.78
N SER A 237 9.82 -3.90 -26.81
CA SER A 237 9.67 -5.28 -26.36
C SER A 237 10.41 -6.23 -27.29
N ALA A 238 10.35 -6.01 -28.59
CA ALA A 238 11.07 -6.86 -29.52
C ALA A 238 12.57 -6.81 -29.26
N MET A 239 13.12 -5.59 -29.13
CA MET A 239 14.55 -5.44 -28.90
C MET A 239 14.97 -6.03 -27.55
N LEU A 240 14.12 -5.89 -26.54
CA LEU A 240 14.41 -6.46 -25.23
C LEU A 240 14.45 -7.98 -25.29
N ALA A 241 13.46 -8.57 -25.97
CA ALA A 241 13.49 -10.02 -26.14
C ALA A 241 14.73 -10.45 -26.92
N ALA A 242 15.14 -9.64 -27.88
CA ALA A 242 16.34 -9.96 -28.66
C ALA A 242 17.58 -9.99 -27.78
N GLU A 243 17.79 -8.93 -27.00
CA GLU A 243 19.00 -8.85 -26.17
C GLU A 243 19.07 -9.99 -25.17
N VAL A 244 18.00 -10.18 -24.39
CA VAL A 244 17.96 -11.30 -23.45
C VAL A 244 17.85 -12.64 -24.15
N GLN A 245 17.53 -12.65 -25.46
CA GLN A 245 17.46 -13.86 -26.26
C GLN A 245 16.47 -14.86 -25.66
N ALA A 246 15.20 -14.46 -25.70
CA ALA A 246 14.11 -15.27 -25.17
C ALA A 246 13.59 -16.24 -26.22
N ASP A 247 13.08 -17.37 -25.74
CA ASP A 247 12.53 -18.38 -26.64
C ASP A 247 11.25 -17.89 -27.30
N LEU A 248 10.30 -17.42 -26.50
CA LEU A 248 9.04 -16.90 -26.99
C LEU A 248 9.00 -15.39 -26.82
N LEU A 249 8.01 -14.77 -27.43
CA LEU A 249 7.71 -13.36 -27.18
C LEU A 249 6.21 -13.19 -27.42
N ILE A 250 5.43 -13.33 -26.36
CA ILE A 250 3.99 -13.13 -26.47
C ILE A 250 3.74 -11.63 -26.55
N LEU A 251 2.92 -11.22 -27.51
CA LEU A 251 2.66 -9.80 -27.76
C LEU A 251 1.15 -9.62 -27.77
N MET A 252 0.56 -9.48 -26.59
CA MET A 252 -0.87 -9.30 -26.48
C MET A 252 -1.28 -7.97 -27.12
N SER A 253 -2.51 -7.94 -27.63
CA SER A 253 -3.00 -6.76 -28.32
C SER A 253 -4.52 -6.82 -28.38
N ASP A 254 -5.10 -5.95 -29.21
CA ASP A 254 -6.54 -5.83 -29.35
C ASP A 254 -7.09 -6.60 -30.54
N VAL A 255 -6.40 -6.57 -31.68
CA VAL A 255 -6.84 -7.28 -32.86
C VAL A 255 -6.67 -8.78 -32.64
N ASP A 256 -7.58 -9.57 -33.20
CA ASP A 256 -7.53 -11.02 -33.01
C ASP A 256 -6.27 -11.65 -33.58
N GLY A 257 -5.62 -10.99 -34.54
CA GLY A 257 -4.44 -11.54 -35.15
C GLY A 257 -3.99 -10.74 -36.35
N ILE A 258 -3.70 -11.41 -37.45
CA ILE A 258 -3.29 -10.76 -38.70
C ILE A 258 -4.16 -11.31 -39.82
N TYR A 259 -4.85 -10.43 -40.52
CA TYR A 259 -5.74 -10.84 -41.59
C TYR A 259 -5.02 -10.80 -42.93
N ASN A 260 -5.71 -11.24 -43.97
CA ASN A 260 -5.17 -11.19 -45.32
C ASN A 260 -5.42 -9.85 -46.00
N LYS A 261 -6.47 -9.16 -45.60
CA LYS A 261 -6.80 -7.85 -46.14
C LYS A 261 -7.59 -7.11 -45.06
N PRO A 262 -7.80 -5.80 -45.23
CA PRO A 262 -8.65 -5.07 -44.30
C PRO A 262 -9.98 -5.76 -44.11
N PRO A 263 -10.59 -5.64 -42.92
CA PRO A 263 -11.81 -6.42 -42.63
C PRO A 263 -12.97 -6.12 -43.56
N TRP A 264 -13.08 -4.89 -44.08
CA TRP A 264 -14.16 -4.54 -44.98
C TRP A 264 -13.85 -4.99 -46.41
N GLU A 265 -13.69 -6.31 -46.55
CA GLU A 265 -13.34 -6.87 -47.85
C GLU A 265 -13.73 -8.34 -47.88
N ASP A 266 -13.94 -8.85 -49.10
CA ASP A 266 -14.30 -10.25 -49.29
C ASP A 266 -13.04 -11.11 -49.22
N GLY A 267 -13.01 -12.03 -48.25
CA GLY A 267 -11.87 -12.93 -48.13
C GLY A 267 -10.94 -12.57 -46.99
N ALA A 268 -11.50 -12.18 -45.86
CA ALA A 268 -10.71 -11.80 -44.67
C ALA A 268 -10.20 -13.06 -43.97
N LYS A 269 -9.39 -13.83 -44.69
CA LYS A 269 -8.85 -15.07 -44.16
C LYS A 269 -7.74 -14.77 -43.16
N LEU A 270 -8.00 -15.03 -41.89
CA LEU A 270 -6.99 -14.86 -40.87
C LEU A 270 -5.85 -15.85 -41.10
N MET A 271 -4.61 -15.34 -41.06
CA MET A 271 -3.43 -16.17 -41.26
C MET A 271 -2.81 -16.49 -39.90
N HIS A 272 -3.08 -17.69 -39.40
CA HIS A 272 -2.49 -18.11 -38.14
C HIS A 272 -0.97 -18.17 -38.24
N THR A 273 -0.45 -19.04 -39.10
CA THR A 273 0.98 -19.05 -39.34
C THR A 273 1.36 -17.86 -40.21
N TYR A 274 2.67 -17.63 -40.32
CA TYR A 274 3.18 -16.55 -41.16
C TYR A 274 4.44 -17.01 -41.87
N THR A 275 4.42 -16.93 -43.20
CA THR A 275 5.54 -17.37 -44.02
C THR A 275 6.77 -16.50 -43.78
N SER A 297 4.66 -1.89 -37.92
CA SER A 297 4.28 -1.92 -36.51
C SER A 297 4.54 -3.30 -35.91
N LYS A 298 3.46 -3.95 -35.47
CA LYS A 298 3.59 -5.28 -34.88
C LYS A 298 4.20 -6.27 -35.86
N VAL A 299 3.77 -6.22 -37.12
CA VAL A 299 4.29 -7.14 -38.13
C VAL A 299 5.79 -6.91 -38.34
N LYS A 300 6.20 -5.64 -38.39
CA LYS A 300 7.60 -5.34 -38.61
C LYS A 300 8.46 -5.78 -37.44
N ALA A 301 8.00 -5.49 -36.21
CA ALA A 301 8.73 -5.94 -35.03
C ALA A 301 8.80 -7.44 -34.96
N ALA A 302 7.74 -8.13 -35.39
CA ALA A 302 7.75 -9.58 -35.40
C ALA A 302 8.75 -10.12 -36.40
N THR A 303 8.80 -9.54 -37.59
CA THR A 303 9.81 -9.95 -38.56
C THR A 303 11.22 -9.75 -38.01
N TRP A 304 11.46 -8.58 -37.41
CA TRP A 304 12.75 -8.31 -36.78
C TRP A 304 13.11 -9.41 -35.78
N ALA A 305 12.24 -9.62 -34.78
CA ALA A 305 12.53 -10.60 -33.75
C ALA A 305 12.68 -12.01 -34.33
N LEU A 306 12.02 -12.28 -35.45
CA LEU A 306 12.23 -13.55 -36.13
C LEU A 306 13.65 -13.64 -36.66
N ASP A 307 14.13 -12.57 -37.30
CA ASP A 307 15.50 -12.57 -37.78
C ASP A 307 16.52 -12.61 -36.65
N ARG A 308 16.13 -12.22 -35.44
CA ARG A 308 17.04 -12.20 -34.30
C ARG A 308 16.89 -13.42 -33.41
N GLY A 309 16.17 -14.45 -33.87
CA GLY A 309 16.05 -15.69 -33.13
C GLY A 309 14.91 -15.77 -32.16
N VAL A 310 13.84 -15.00 -32.35
CA VAL A 310 12.71 -14.96 -31.43
C VAL A 310 11.45 -15.27 -32.22
N SER A 311 10.66 -16.23 -31.72
CA SER A 311 9.41 -16.65 -32.35
C SER A 311 8.27 -15.83 -31.76
N VAL A 312 7.89 -14.77 -32.44
CA VAL A 312 6.85 -13.88 -31.94
C VAL A 312 5.49 -14.54 -32.08
N VAL A 313 4.58 -14.19 -31.17
CA VAL A 313 3.21 -14.66 -31.18
C VAL A 313 2.32 -13.51 -30.78
N ILE A 314 1.24 -13.29 -31.54
CA ILE A 314 0.34 -12.16 -31.33
C ILE A 314 -1.04 -12.71 -31.03
N CYS A 315 -1.46 -12.62 -29.77
CA CYS A 315 -2.74 -13.15 -29.34
C CYS A 315 -3.77 -12.03 -29.25
N ASN A 316 -4.97 -12.39 -28.79
CA ASN A 316 -6.02 -11.43 -28.51
C ASN A 316 -6.16 -11.32 -27.00
N GLY A 317 -6.13 -10.09 -26.50
CA GLY A 317 -6.11 -9.88 -25.06
C GLY A 317 -7.40 -10.31 -24.38
N MET A 318 -8.54 -9.91 -24.94
CA MET A 318 -9.81 -10.13 -24.28
C MET A 318 -10.21 -11.60 -24.20
N GLN A 319 -9.56 -12.48 -24.96
CA GLN A 319 -9.90 -13.90 -24.93
C GLN A 319 -9.46 -14.51 -23.61
N GLU A 320 -10.40 -15.19 -22.93
CA GLU A 320 -10.11 -15.74 -21.62
C GLU A 320 -9.03 -16.82 -21.70
N LYS A 321 -8.12 -16.79 -20.73
CA LYS A 321 -7.04 -17.77 -20.62
C LYS A 321 -6.21 -17.81 -21.91
N ALA A 322 -5.66 -16.66 -22.26
CA ALA A 322 -4.93 -16.55 -23.52
C ALA A 322 -3.56 -17.20 -23.45
N ILE A 323 -2.77 -16.84 -22.44
CA ILE A 323 -1.39 -17.33 -22.35
C ILE A 323 -1.37 -18.84 -22.17
N LYS A 324 -2.19 -19.34 -21.24
CA LYS A 324 -2.22 -20.78 -20.98
C LYS A 324 -2.67 -21.55 -22.22
N THR A 325 -3.48 -20.93 -23.07
CA THR A 325 -3.88 -21.58 -24.30
C THR A 325 -2.75 -21.58 -25.33
N ILE A 326 -2.16 -20.41 -25.58
CA ILE A 326 -1.17 -20.30 -26.65
C ILE A 326 0.08 -21.11 -26.31
N ILE A 327 0.43 -21.22 -25.03
CA ILE A 327 1.55 -22.07 -24.66
C ILE A 327 1.23 -23.52 -24.95
N GLY A 328 -0.04 -23.91 -24.83
CA GLY A 328 -0.41 -25.31 -25.01
C GLY A 328 -0.30 -25.77 -26.44
N GLY A 329 -0.84 -24.99 -27.39
CA GLY A 329 -0.74 -25.34 -28.78
C GLY A 329 -2.01 -25.15 -29.58
N ARG A 330 -3.04 -24.58 -28.95
CA ARG A 330 -4.28 -24.35 -29.68
C ARG A 330 -4.08 -23.29 -30.76
N LYS A 331 -4.90 -23.37 -31.80
CA LYS A 331 -4.78 -22.49 -32.97
C LYS A 331 -5.36 -21.12 -32.63
N VAL A 332 -4.66 -20.41 -31.75
CA VAL A 332 -5.06 -19.08 -31.31
C VAL A 332 -3.98 -18.08 -31.69
N GLY A 333 -4.40 -16.84 -31.91
CA GLY A 333 -3.45 -15.78 -32.15
C GLY A 333 -2.77 -15.91 -33.50
N THR A 334 -1.46 -15.70 -33.51
CA THR A 334 -0.67 -15.73 -34.73
C THR A 334 0.72 -16.23 -34.37
N PHE A 335 1.39 -16.83 -35.35
CA PHE A 335 2.67 -17.49 -35.09
C PHE A 335 3.60 -17.21 -36.25
N PHE A 336 4.77 -16.67 -35.96
CA PHE A 336 5.71 -16.19 -36.98
C PHE A 336 6.92 -17.09 -37.03
N THR A 337 7.08 -17.83 -38.12
CA THR A 337 8.23 -18.70 -38.32
C THR A 337 8.23 -19.17 -39.77
N GLU A 338 9.42 -19.23 -40.36
CA GLU A 338 9.60 -19.75 -41.70
C GLU A 338 9.36 -21.25 -41.73
N PRO B 45 2.31 -8.23 41.83
CA PRO B 45 3.30 -8.75 40.89
C PRO B 45 4.53 -9.28 41.60
N THR B 46 5.69 -9.09 40.97
CA THR B 46 6.96 -9.51 41.57
C THR B 46 7.98 -8.38 41.51
N PHE B 47 7.79 -7.46 40.56
CA PHE B 47 8.72 -6.34 40.42
C PHE B 47 8.49 -5.32 41.51
N THR B 48 9.58 -4.80 42.08
CA THR B 48 9.49 -3.77 43.09
C THR B 48 10.23 -2.49 42.72
N GLU B 49 11.47 -2.59 42.26
CA GLU B 49 12.28 -1.43 41.94
C GLU B 49 12.50 -1.35 40.43
N ARG B 50 12.79 -0.13 39.97
CA ARG B 50 13.01 0.07 38.54
C ARG B 50 14.23 -0.66 38.01
N SER B 51 15.14 -1.09 38.88
CA SER B 51 16.29 -1.86 38.42
C SER B 51 15.88 -3.23 37.89
N GLN B 52 14.76 -3.76 38.36
CA GLN B 52 14.34 -5.09 37.94
C GLN B 52 13.68 -5.09 36.57
N LEU B 53 13.29 -3.93 36.06
CA LEU B 53 12.49 -3.87 34.83
C LEU B 53 13.23 -4.29 33.60
N LYS B 54 14.45 -4.82 33.67
CA LYS B 54 15.10 -5.37 32.50
C LYS B 54 14.70 -6.81 32.24
N TYR B 55 13.93 -7.43 33.14
CA TYR B 55 13.55 -8.83 33.02
C TYR B 55 12.06 -9.01 32.79
N ALA B 56 11.40 -8.02 32.18
CA ALA B 56 10.01 -8.18 31.81
C ALA B 56 9.90 -8.80 30.43
N ARG B 57 9.14 -9.89 30.33
CA ARG B 57 9.08 -10.67 29.10
C ARG B 57 7.81 -10.44 28.30
N ARG B 58 6.93 -9.54 28.72
CA ARG B 58 5.71 -9.28 27.97
C ARG B 58 5.28 -7.84 28.25
N LEU B 59 5.60 -6.94 27.34
CA LEU B 59 5.16 -5.55 27.44
C LEU B 59 3.76 -5.39 26.85
N VAL B 60 3.09 -4.32 27.26
CA VAL B 60 1.88 -3.87 26.58
C VAL B 60 1.97 -2.36 26.45
N VAL B 61 2.46 -1.88 25.30
CA VAL B 61 2.49 -0.44 25.07
C VAL B 61 1.08 0.08 24.91
N LYS B 62 0.93 1.40 25.03
CA LYS B 62 -0.38 2.03 24.80
C LYS B 62 -0.12 3.48 24.41
N LEU B 63 -0.17 3.75 23.11
CA LEU B 63 0.09 5.10 22.61
C LEU B 63 -1.13 5.96 22.85
N GLY B 64 -0.97 7.01 23.65
CA GLY B 64 -2.09 7.86 23.99
C GLY B 64 -2.55 8.72 22.83
N SER B 65 -3.83 9.07 22.84
CA SER B 65 -4.45 9.83 21.76
C SER B 65 -3.89 11.24 21.62
N ALA B 66 -3.01 11.67 22.52
CA ALA B 66 -2.41 13.00 22.44
C ALA B 66 -0.93 12.93 22.06
N VAL B 67 -0.38 11.74 21.87
CA VAL B 67 1.03 11.61 21.51
C VAL B 67 1.22 11.59 20.00
N ILE B 68 0.38 10.85 19.28
CA ILE B 68 0.63 10.60 17.87
C ILE B 68 -0.11 11.57 16.94
N THR B 69 -1.20 12.18 17.39
CA THR B 69 -1.93 13.13 16.56
C THR B 69 -1.32 14.51 16.72
N ARG B 70 -1.02 15.16 15.59
CA ARG B 70 -0.40 16.47 15.64
C ARG B 70 -1.36 17.47 16.29
N GLU B 71 -0.85 18.68 16.53
CA GLU B 71 -1.51 19.59 17.44
C GLU B 71 -2.69 20.29 16.78
N ASP B 72 -3.55 19.50 16.13
CA ASP B 72 -4.83 19.97 15.60
C ASP B 72 -5.97 18.99 15.82
N ASN B 73 -5.68 17.74 16.20
CA ASN B 73 -6.59 16.61 16.05
C ASN B 73 -7.02 16.43 14.59
N HIS B 74 -6.22 16.94 13.65
CA HIS B 74 -6.54 16.96 12.24
C HIS B 74 -5.34 16.53 11.42
N GLY B 75 -4.70 15.43 11.82
CA GLY B 75 -3.54 14.95 11.10
C GLY B 75 -2.99 13.68 11.73
N LEU B 76 -1.68 13.45 11.60
CA LEU B 76 -1.06 12.30 12.23
C LEU B 76 0.43 12.61 12.32
N ALA B 77 0.88 13.02 13.50
CA ALA B 77 2.28 13.42 13.68
C ALA B 77 3.21 12.26 13.40
N LEU B 78 4.00 12.35 12.33
CA LEU B 78 4.84 11.23 11.94
C LEU B 78 6.09 11.10 12.78
N GLY B 79 6.59 12.19 13.35
CA GLY B 79 7.80 12.13 14.13
C GLY B 79 7.70 11.19 15.30
N ARG B 80 6.77 11.48 16.21
CA ARG B 80 6.62 10.66 17.41
C ARG B 80 6.14 9.26 17.06
N LEU B 81 5.27 9.13 16.06
CA LEU B 81 4.78 7.80 15.69
C LEU B 81 5.90 6.93 15.16
N ALA B 82 6.74 7.49 14.28
CA ALA B 82 7.87 6.72 13.76
C ALA B 82 8.86 6.40 14.86
N SER B 83 9.11 7.33 15.78
CA SER B 83 10.03 7.04 16.87
C SER B 83 9.50 5.90 17.74
N ILE B 84 8.20 5.91 18.02
CA ILE B 84 7.64 4.89 18.90
C ILE B 84 7.59 3.53 18.20
N VAL B 85 7.28 3.52 16.90
CA VAL B 85 7.33 2.26 16.16
C VAL B 85 8.75 1.73 16.12
N GLU B 86 9.73 2.61 15.94
CA GLU B 86 11.13 2.18 15.96
C GLU B 86 11.48 1.53 17.30
N GLN B 87 11.13 2.20 18.40
CA GLN B 87 11.46 1.65 19.71
C GLN B 87 10.75 0.33 19.97
N VAL B 88 9.48 0.22 19.55
CA VAL B 88 8.73 -1.01 19.82
C VAL B 88 9.26 -2.17 18.98
N ALA B 89 9.56 -1.92 17.70
CA ALA B 89 10.12 -2.98 16.88
C ALA B 89 11.49 -3.40 17.40
N GLU B 90 12.30 -2.44 17.84
CA GLU B 90 13.61 -2.80 18.39
C GLU B 90 13.47 -3.62 19.66
N CYS B 91 12.53 -3.24 20.53
CA CYS B 91 12.32 -4.00 21.75
C CYS B 91 11.76 -5.38 21.47
N HIS B 92 10.98 -5.53 20.41
CA HIS B 92 10.44 -6.83 20.06
C HIS B 92 11.50 -7.73 19.43
N LEU B 93 12.43 -7.17 18.65
CA LEU B 93 13.54 -7.95 18.15
C LEU B 93 14.54 -8.33 19.24
N GLU B 94 14.34 -7.85 20.46
CA GLU B 94 15.23 -8.15 21.58
C GLU B 94 14.85 -9.43 22.31
N GLY B 95 13.69 -9.99 22.03
CA GLY B 95 13.23 -11.21 22.67
C GLY B 95 11.92 -11.07 23.42
N ARG B 96 11.52 -9.85 23.75
CA ARG B 96 10.26 -9.65 24.43
C ARG B 96 9.10 -9.88 23.47
N GLU B 97 7.88 -9.77 23.99
CA GLU B 97 6.67 -10.00 23.19
C GLU B 97 5.73 -8.82 23.44
N VAL B 98 5.92 -7.75 22.67
CA VAL B 98 5.15 -6.53 22.86
C VAL B 98 3.80 -6.66 22.19
N MET B 99 2.89 -5.74 22.50
CA MET B 99 1.54 -5.77 21.94
C MET B 99 0.98 -4.36 22.05
N MET B 100 1.04 -3.60 20.97
CA MET B 100 0.64 -2.20 21.04
C MET B 100 -0.86 -2.08 21.26
N VAL B 101 -1.27 -0.93 21.78
CA VAL B 101 -2.66 -0.53 21.81
C VAL B 101 -2.69 0.88 21.21
N THR B 102 -2.79 0.97 19.89
CA THR B 102 -2.71 2.25 19.22
C THR B 102 -4.05 2.97 19.32
N SER B 103 -4.02 4.17 19.88
CA SER B 103 -5.19 5.03 19.87
C SER B 103 -5.12 5.97 18.69
N GLY B 104 -6.09 6.87 18.59
CA GLY B 104 -6.07 7.87 17.54
C GLY B 104 -6.16 7.31 16.14
N ALA B 105 -7.31 6.72 15.80
CA ALA B 105 -7.59 6.33 14.44
C ALA B 105 -8.55 7.27 13.73
N VAL B 106 -9.26 8.10 14.48
CA VAL B 106 -10.17 9.08 13.87
C VAL B 106 -9.39 10.15 13.14
N ALA B 107 -8.19 10.48 13.62
CA ALA B 107 -7.41 11.55 13.01
C ALA B 107 -6.99 11.19 11.59
N PHE B 108 -6.54 9.94 11.40
CA PHE B 108 -6.12 9.53 10.06
C PHE B 108 -7.30 9.56 9.09
N GLY B 109 -8.48 9.16 9.54
CA GLY B 109 -9.64 9.19 8.65
C GLY B 109 -10.07 10.61 8.32
N LYS B 110 -10.05 11.48 9.33
CA LYS B 110 -10.37 12.89 9.09
C LYS B 110 -9.45 13.49 8.04
N GLN B 111 -8.14 13.25 8.19
CA GLN B 111 -7.20 13.82 7.23
C GLN B 111 -7.29 13.13 5.88
N LYS B 112 -7.62 11.84 5.84
CA LYS B 112 -7.73 11.14 4.57
C LYS B 112 -8.92 11.63 3.78
N LEU B 113 -10.02 11.95 4.47
CA LEU B 113 -11.16 12.51 3.73
C LEU B 113 -10.90 13.97 3.38
N ALA B 114 -10.92 14.86 4.38
CA ALA B 114 -10.54 16.25 4.22
C ALA B 114 -11.25 16.98 3.09
N GLN B 115 -12.03 16.27 2.27
CA GLN B 115 -12.73 16.87 1.15
C GLN B 115 -14.22 16.57 1.19
N GLU B 116 -14.55 15.30 1.40
CA GLU B 116 -15.94 14.88 1.46
C GLU B 116 -16.62 15.31 2.75
N LEU B 117 -15.85 15.55 3.81
CA LEU B 117 -16.38 16.19 5.00
C LEU B 117 -16.57 17.69 4.78
N LEU B 118 -15.66 18.31 4.04
CA LEU B 118 -15.76 19.74 3.76
C LEU B 118 -16.99 20.03 2.91
N MET B 119 -17.11 19.38 1.76
CA MET B 119 -18.25 19.61 0.87
C MET B 119 -19.58 19.21 1.50
N SER B 120 -19.56 18.45 2.60
CA SER B 120 -20.79 18.07 3.28
C SER B 120 -21.11 18.96 4.47
N LEU B 121 -20.11 19.61 5.06
CA LEU B 121 -20.36 20.51 6.18
C LEU B 121 -21.10 21.78 5.76
N SER B 122 -21.27 22.03 4.47
CA SER B 122 -22.06 23.15 3.99
C SER B 122 -23.47 22.76 3.56
N MET B 123 -23.68 21.50 3.19
CA MET B 123 -25.00 21.00 2.81
C MET B 123 -25.70 20.26 3.94
N ARG B 124 -25.02 20.00 5.05
CA ARG B 124 -25.66 19.39 6.20
C ARG B 124 -25.53 20.28 7.43
N PRO B 142 -18.25 11.32 12.43
CA PRO B 142 -17.10 10.88 13.23
C PRO B 142 -16.84 9.38 13.13
N ARG B 143 -17.89 8.56 13.19
CA ARG B 143 -17.70 7.11 13.10
C ARG B 143 -17.20 6.71 11.72
N ALA B 144 -17.67 7.39 10.67
CA ALA B 144 -17.17 7.11 9.33
C ALA B 144 -15.69 7.42 9.23
N ALA B 145 -15.28 8.58 9.75
CA ALA B 145 -13.87 8.90 9.80
C ALA B 145 -13.09 7.86 10.59
N ALA B 146 -13.68 7.36 11.68
CA ALA B 146 -13.00 6.34 12.47
C ALA B 146 -12.77 5.07 11.68
N ALA B 147 -13.77 4.64 10.90
CA ALA B 147 -13.61 3.41 10.11
C ALA B 147 -12.55 3.58 9.02
N VAL B 148 -12.69 4.62 8.21
CA VAL B 148 -11.72 4.87 7.15
C VAL B 148 -10.32 5.01 7.73
N GLY B 149 -10.21 5.67 8.88
CA GLY B 149 -8.91 5.84 9.49
C GLY B 149 -8.33 4.55 10.01
N GLN B 150 -9.16 3.68 10.59
CA GLN B 150 -8.65 2.40 11.05
C GLN B 150 -8.01 1.65 9.90
N SER B 151 -8.71 1.60 8.76
CA SER B 151 -8.14 0.91 7.61
C SER B 151 -6.79 1.52 7.19
N GLY B 152 -6.79 2.83 6.95
CA GLY B 152 -5.56 3.46 6.45
C GLY B 152 -4.41 3.38 7.44
N LEU B 153 -4.71 3.50 8.73
CA LEU B 153 -3.67 3.47 9.74
C LEU B 153 -3.09 2.08 9.88
N MET B 154 -3.91 1.05 9.74
CA MET B 154 -3.34 -0.29 9.74
C MET B 154 -2.41 -0.49 8.55
N SER B 155 -2.77 0.08 7.39
CA SER B 155 -1.86 -0.01 6.25
C SER B 155 -0.53 0.67 6.55
N LEU B 156 -0.58 1.87 7.14
CA LEU B 156 0.65 2.61 7.40
C LEU B 156 1.52 1.92 8.45
N TYR B 157 0.89 1.39 9.49
CA TYR B 157 1.63 0.60 10.47
C TYR B 157 2.27 -0.62 9.82
N ASP B 158 1.55 -1.27 8.92
CA ASP B 158 2.12 -2.41 8.21
C ASP B 158 3.40 -2.03 7.50
N ALA B 159 3.37 -0.90 6.77
CA ALA B 159 4.57 -0.45 6.08
C ALA B 159 5.71 -0.17 7.06
N MET B 160 5.45 0.71 8.03
CA MET B 160 6.52 1.14 8.93
C MET B 160 6.99 0.07 9.90
N PHE B 161 6.27 -1.05 10.01
CA PHE B 161 6.74 -2.16 10.84
C PHE B 161 7.48 -3.18 10.00
N ALA B 162 6.93 -3.57 8.85
CA ALA B 162 7.66 -4.44 7.95
C ALA B 162 8.96 -3.81 7.47
N GLN B 163 9.14 -2.50 7.67
CA GLN B 163 10.47 -1.94 7.44
C GLN B 163 11.49 -2.38 8.48
N TYR B 164 11.09 -3.16 9.48
CA TYR B 164 12.02 -3.74 10.45
C TYR B 164 11.99 -5.26 10.44
N GLY B 165 11.22 -5.88 9.55
CA GLY B 165 11.09 -7.32 9.50
C GLY B 165 9.87 -7.87 10.21
N VAL B 166 9.27 -7.09 11.10
CA VAL B 166 8.14 -7.59 11.87
C VAL B 166 6.89 -7.67 11.01
N LYS B 167 5.93 -8.46 11.46
CA LYS B 167 4.59 -8.49 10.90
C LYS B 167 3.60 -8.08 11.98
N ILE B 168 2.47 -7.51 11.57
CA ILE B 168 1.43 -7.08 12.49
C ILE B 168 0.10 -7.69 12.08
N ALA B 169 -0.89 -7.56 12.96
CA ALA B 169 -2.17 -8.21 12.76
C ALA B 169 -3.23 -7.43 13.54
N GLN B 170 -4.03 -6.64 12.84
CA GLN B 170 -5.02 -5.80 13.49
C GLN B 170 -6.03 -6.64 14.23
N VAL B 171 -6.10 -6.48 15.54
CA VAL B 171 -7.12 -7.11 16.36
C VAL B 171 -8.03 -6.00 16.86
N LEU B 172 -9.33 -6.15 16.64
CA LEU B 172 -10.30 -5.14 17.01
C LEU B 172 -11.21 -5.68 18.11
N VAL B 173 -11.16 -5.05 19.28
CA VAL B 173 -11.96 -5.43 20.43
C VAL B 173 -12.72 -4.21 20.93
N THR B 174 -13.58 -4.42 21.91
CA THR B 174 -14.19 -3.33 22.64
C THR B 174 -14.45 -3.78 24.07
N LYS B 175 -14.64 -2.81 24.95
CA LYS B 175 -14.79 -3.11 26.38
C LYS B 175 -15.85 -4.17 26.68
N PRO B 176 -17.01 -4.21 26.03
CA PRO B 176 -17.95 -5.31 26.29
C PRO B 176 -17.40 -6.68 25.91
N ASP B 177 -16.37 -6.76 25.06
CA ASP B 177 -15.82 -8.06 24.72
C ASP B 177 -15.01 -8.67 25.85
N PHE B 178 -14.74 -7.92 26.91
CA PHE B 178 -13.98 -8.42 28.04
C PHE B 178 -14.85 -8.81 29.22
N TYR B 179 -16.16 -8.90 29.03
CA TYR B 179 -17.09 -9.21 30.10
C TYR B 179 -17.72 -10.59 29.99
N ASN B 180 -18.15 -10.99 28.80
CA ASN B 180 -18.65 -12.34 28.62
C ASN B 180 -17.49 -13.32 28.54
N GLU B 181 -17.74 -14.56 28.97
CA GLU B 181 -16.67 -15.54 29.07
C GLU B 181 -16.30 -16.13 27.73
N GLU B 182 -17.28 -16.35 26.85
CA GLU B 182 -16.99 -16.93 25.54
C GLU B 182 -16.08 -16.01 24.72
N THR B 183 -16.44 -14.73 24.64
CA THR B 183 -15.61 -13.80 23.90
C THR B 183 -14.24 -13.62 24.53
N ARG B 184 -14.16 -13.67 25.87
CA ARG B 184 -12.87 -13.56 26.51
C ARG B 184 -11.97 -14.75 26.17
N ASN B 185 -12.55 -15.96 26.20
CA ASN B 185 -11.79 -17.14 25.81
C ASN B 185 -11.33 -17.03 24.36
N ASN B 186 -12.23 -16.62 23.47
CA ASN B 186 -11.88 -16.49 22.05
C ASN B 186 -10.75 -15.49 21.86
N LEU B 187 -10.85 -14.34 22.52
CA LEU B 187 -9.85 -13.30 22.35
C LEU B 187 -8.50 -13.74 22.91
N PHE B 188 -8.50 -14.42 24.06
CA PHE B 188 -7.23 -14.89 24.61
C PHE B 188 -6.59 -15.93 23.70
N CYS B 189 -7.41 -16.82 23.14
CA CYS B 189 -6.86 -17.80 22.20
C CYS B 189 -6.27 -17.12 20.99
N THR B 190 -6.97 -16.11 20.45
CA THR B 190 -6.45 -15.36 19.32
C THR B 190 -5.11 -14.73 19.65
N LEU B 191 -5.04 -14.03 20.78
CA LEU B 191 -3.81 -13.33 21.13
C LEU B 191 -2.66 -14.28 21.39
N SER B 192 -2.92 -15.45 21.99
CA SER B 192 -1.84 -16.39 22.22
C SER B 192 -1.37 -17.04 20.92
N GLU B 193 -2.31 -17.38 20.04
CA GLU B 193 -1.91 -17.92 18.73
C GLU B 193 -1.18 -16.88 17.91
N LEU B 194 -1.42 -15.59 18.17
CA LEU B 194 -0.72 -14.54 17.44
C LEU B 194 0.65 -14.27 18.03
N ILE B 195 0.78 -14.33 19.35
CA ILE B 195 2.08 -14.13 19.98
C ILE B 195 3.02 -15.28 19.68
N SER B 196 2.50 -16.51 19.69
CA SER B 196 3.35 -17.67 19.42
C SER B 196 3.79 -17.74 17.97
N LEU B 197 3.40 -16.79 17.13
CA LEU B 197 3.76 -16.78 15.72
C LEU B 197 4.74 -15.67 15.36
N ASN B 198 5.27 -14.95 16.35
CA ASN B 198 6.14 -13.81 16.13
C ASN B 198 5.41 -12.74 15.31
N ILE B 199 4.31 -12.25 15.89
CA ILE B 199 3.51 -11.19 15.31
C ILE B 199 3.22 -10.17 16.40
N VAL B 200 3.06 -8.91 16.00
CA VAL B 200 2.79 -7.84 16.94
C VAL B 200 1.35 -7.40 16.77
N PRO B 201 0.42 -7.89 17.58
CA PRO B 201 -0.98 -7.47 17.44
C PRO B 201 -1.16 -6.02 17.82
N ILE B 202 -2.08 -5.36 17.14
CA ILE B 202 -2.36 -3.94 17.32
C ILE B 202 -3.83 -3.83 17.67
N ILE B 203 -4.12 -3.58 18.94
CA ILE B 203 -5.46 -3.76 19.50
C ILE B 203 -6.14 -2.40 19.55
N ASN B 204 -6.82 -2.03 18.47
CA ASN B 204 -7.66 -0.86 18.47
C ASN B 204 -9.04 -1.19 19.04
N THR B 205 -9.80 -0.15 19.37
CA THR B 205 -11.16 -0.32 19.86
C THR B 205 -12.13 -0.31 18.69
N ASN B 206 -13.15 -1.16 18.77
CA ASN B 206 -14.15 -1.22 17.71
C ASN B 206 -14.85 0.13 17.60
N ASP B 207 -14.68 0.81 16.47
CA ASP B 207 -15.23 2.16 16.31
C ASP B 207 -16.71 2.14 15.97
N ALA B 208 -17.16 1.15 15.21
CA ALA B 208 -18.55 1.08 14.77
C ALA B 208 -19.50 0.57 15.83
N VAL B 209 -19.00 0.19 17.01
CA VAL B 209 -19.86 -0.28 18.09
C VAL B 209 -19.46 0.53 19.33
N SER B 210 -18.97 1.74 19.11
CA SER B 210 -18.57 2.61 20.21
C SER B 210 -19.46 3.84 20.23
N PRO B 211 -20.09 4.17 21.36
CA PRO B 211 -20.98 5.33 21.52
C PRO B 211 -20.29 6.65 21.15
N ASP B 232 -10.69 7.48 26.06
CA ASP B 232 -9.30 7.52 25.61
C ASP B 232 -8.59 6.20 25.85
N ASN B 233 -9.28 5.11 25.49
CA ASN B 233 -8.83 3.71 25.61
C ASN B 233 -7.68 3.37 26.57
N ASP B 234 -7.85 3.73 27.84
CA ASP B 234 -6.86 3.44 28.87
C ASP B 234 -7.32 2.32 29.81
N SER B 235 -8.58 2.39 30.25
CA SER B 235 -9.15 1.28 31.00
C SER B 235 -9.10 -0.01 30.18
N LEU B 236 -9.35 0.10 28.88
CA LEU B 236 -9.21 -1.06 28.00
C LEU B 236 -7.81 -1.63 28.04
N SER B 237 -6.79 -0.76 27.99
CA SER B 237 -5.42 -1.25 28.03
C SER B 237 -5.11 -1.91 29.36
N ALA B 238 -5.56 -1.33 30.46
CA ALA B 238 -5.34 -1.94 31.76
C ALA B 238 -5.98 -3.32 31.84
N MET B 239 -7.25 -3.43 31.43
CA MET B 239 -7.94 -4.71 31.48
C MET B 239 -7.30 -5.74 30.55
N LEU B 240 -6.84 -5.29 29.39
CA LEU B 240 -6.17 -6.19 28.45
C LEU B 240 -4.87 -6.72 29.04
N ALA B 241 -4.08 -5.83 29.64
CA ALA B 241 -2.86 -6.29 30.30
C ALA B 241 -3.20 -7.26 31.43
N ALA B 242 -4.30 -7.02 32.12
CA ALA B 242 -4.70 -7.90 33.21
C ALA B 242 -5.02 -9.30 32.69
N GLU B 243 -5.85 -9.39 31.67
CA GLU B 243 -6.27 -10.70 31.15
C GLU B 243 -5.07 -11.50 30.65
N VAL B 244 -4.27 -10.90 29.76
CA VAL B 244 -3.07 -11.56 29.28
C VAL B 244 -2.00 -11.69 30.35
N GLN B 245 -2.15 -10.97 31.47
CA GLN B 245 -1.24 -11.04 32.61
C GLN B 245 0.20 -10.72 32.18
N ALA B 246 0.39 -9.46 31.80
CA ALA B 246 1.68 -8.97 31.35
C ALA B 246 2.52 -8.49 32.52
N ASP B 247 3.83 -8.59 32.35
CA ASP B 247 4.75 -8.15 33.40
C ASP B 247 4.73 -6.64 33.55
N LEU B 248 4.90 -5.92 32.45
CA LEU B 248 4.88 -4.47 32.43
C LEU B 248 3.62 -3.98 31.75
N LEU B 249 3.36 -2.68 31.88
CA LEU B 249 2.32 -2.03 31.10
C LEU B 249 2.76 -0.58 30.93
N ILE B 250 3.45 -0.30 29.84
CA ILE B 250 3.87 1.07 29.55
C ILE B 250 2.65 1.82 29.05
N LEU B 251 2.43 3.01 29.60
CA LEU B 251 1.24 3.80 29.29
C LEU B 251 1.73 5.19 28.90
N MET B 252 2.13 5.35 27.64
CA MET B 252 2.61 6.63 27.16
C MET B 252 1.48 7.66 27.20
N SER B 253 1.87 8.92 27.38
CA SER B 253 0.89 9.99 27.49
C SER B 253 1.59 11.33 27.23
N ASP B 254 0.89 12.41 27.56
CA ASP B 254 1.38 13.76 27.33
C ASP B 254 2.02 14.38 28.56
N VAL B 255 1.45 14.18 29.74
CA VAL B 255 1.99 14.72 30.97
C VAL B 255 3.27 13.99 31.32
N ASP B 256 4.24 14.70 31.89
CA ASP B 256 5.52 14.10 32.22
C ASP B 256 5.41 12.98 33.24
N GLY B 257 4.34 12.96 34.03
CA GLY B 257 4.17 11.95 35.05
C GLY B 257 3.01 12.24 35.96
N ILE B 258 3.23 12.13 37.27
CA ILE B 258 2.21 12.43 38.27
C ILE B 258 2.81 13.38 39.29
N TYR B 259 2.18 14.52 39.48
CA TYR B 259 2.69 15.53 40.40
C TYR B 259 2.04 15.38 41.77
N ASN B 260 2.49 16.19 42.72
CA ASN B 260 1.91 16.19 44.05
C ASN B 260 0.70 17.10 44.16
N LYS B 261 0.64 18.13 43.33
CA LYS B 261 -0.49 19.05 43.29
C LYS B 261 -0.56 19.61 41.88
N PRO B 262 -1.65 20.31 41.54
CA PRO B 262 -1.71 20.99 40.24
C PRO B 262 -0.50 21.85 40.01
N PRO B 263 -0.07 22.02 38.75
CA PRO B 263 1.19 22.71 38.48
C PRO B 263 1.22 24.15 38.97
N TRP B 264 0.09 24.84 39.00
CA TRP B 264 0.04 26.22 39.46
C TRP B 264 -0.02 26.28 40.99
N GLU B 265 1.04 25.73 41.60
CA GLU B 265 1.09 25.68 43.06
C GLU B 265 2.53 25.53 43.50
N ASP B 266 2.80 25.96 44.74
CA ASP B 266 4.14 25.86 45.32
C ASP B 266 4.36 24.43 45.82
N GLY B 267 5.37 23.76 45.26
CA GLY B 267 5.69 22.42 45.72
C GLY B 267 5.23 21.34 44.76
N ALA B 268 5.39 21.57 43.46
CA ALA B 268 4.99 20.61 42.44
C ALA B 268 6.01 19.48 42.33
N LYS B 269 6.18 18.76 43.44
CA LYS B 269 7.15 17.68 43.50
C LYS B 269 6.63 16.47 42.73
N LEU B 270 7.25 16.17 41.59
CA LEU B 270 6.90 14.99 40.83
C LEU B 270 7.22 13.74 41.64
N MET B 271 6.26 12.82 41.70
CA MET B 271 6.43 11.56 42.43
C MET B 271 6.74 10.45 41.44
N HIS B 272 8.02 10.11 41.34
CA HIS B 272 8.41 9.01 40.45
C HIS B 272 7.79 7.70 40.91
N THR B 273 8.14 7.24 42.10
CA THR B 273 7.48 6.07 42.64
C THR B 273 6.08 6.43 43.12
N TYR B 274 5.29 5.41 43.44
CA TYR B 274 3.94 5.62 43.94
C TYR B 274 3.64 4.61 45.04
N THR B 275 3.29 5.10 46.21
CA THR B 275 3.00 4.26 47.36
C THR B 275 1.77 3.39 47.12
N SER B 297 -8.80 8.25 36.30
CA SER B 297 -8.29 8.09 34.94
C SER B 297 -7.07 7.18 34.92
N LYS B 298 -5.94 7.75 34.50
CA LYS B 298 -4.70 6.98 34.44
C LYS B 298 -4.32 6.45 35.82
N VAL B 299 -4.45 7.27 36.86
CA VAL B 299 -4.10 6.84 38.20
C VAL B 299 -4.99 5.68 38.65
N LYS B 300 -6.28 5.78 38.36
CA LYS B 300 -7.21 4.73 38.77
C LYS B 300 -6.92 3.42 38.04
N ALA B 301 -6.71 3.51 36.72
CA ALA B 301 -6.37 2.31 35.95
C ALA B 301 -5.07 1.71 36.42
N ALA B 302 -4.10 2.55 36.82
CA ALA B 302 -2.84 2.04 37.32
C ALA B 302 -3.02 1.32 38.64
N THR B 303 -3.82 1.89 39.54
CA THR B 303 -4.11 1.20 40.79
C THR B 303 -4.77 -0.15 40.53
N TRP B 304 -5.76 -0.17 39.64
CA TRP B 304 -6.41 -1.42 39.26
C TRP B 304 -5.39 -2.46 38.80
N ALA B 305 -4.60 -2.11 37.77
CA ALA B 305 -3.64 -3.05 37.23
C ALA B 305 -2.60 -3.46 38.27
N LEU B 306 -2.32 -2.60 39.24
CA LEU B 306 -1.46 -2.99 40.34
C LEU B 306 -2.11 -4.08 41.17
N ASP B 307 -3.39 -3.92 41.50
CA ASP B 307 -4.09 -4.95 42.24
C ASP B 307 -4.24 -6.24 41.45
N ARG B 308 -4.15 -6.17 40.12
CA ARG B 308 -4.31 -7.36 39.29
C ARG B 308 -2.97 -7.95 38.86
N GLY B 309 -1.87 -7.52 39.46
CA GLY B 309 -0.57 -8.09 39.19
C GLY B 309 0.22 -7.45 38.07
N VAL B 310 -0.04 -6.19 37.74
CA VAL B 310 0.61 -5.50 36.64
C VAL B 310 1.26 -4.23 37.19
N SER B 311 2.54 -4.04 36.88
CA SER B 311 3.30 -2.87 37.33
C SER B 311 3.22 -1.80 36.25
N VAL B 312 2.29 -0.87 36.43
CA VAL B 312 2.08 0.18 35.43
C VAL B 312 3.21 1.19 35.48
N VAL B 313 3.50 1.78 34.33
CA VAL B 313 4.50 2.83 34.20
C VAL B 313 3.96 3.87 33.24
N ILE B 314 4.06 5.15 33.62
CA ILE B 314 3.51 6.24 32.83
C ILE B 314 4.65 7.17 32.44
N CYS B 315 5.04 7.13 31.17
CA CYS B 315 6.14 7.92 30.67
C CYS B 315 5.62 9.17 29.97
N ASN B 316 6.56 9.94 29.41
CA ASN B 316 6.24 11.10 28.59
C ASN B 316 6.54 10.75 27.15
N GLY B 317 5.56 10.97 26.27
CA GLY B 317 5.69 10.52 24.90
C GLY B 317 6.77 11.28 24.13
N MET B 318 6.79 12.60 24.25
CA MET B 318 7.68 13.41 23.44
C MET B 318 9.15 13.23 23.79
N GLN B 319 9.47 12.63 24.92
CA GLN B 319 10.86 12.42 25.30
C GLN B 319 11.50 11.38 24.41
N GLU B 320 12.65 11.73 23.81
CA GLU B 320 13.30 10.84 22.86
C GLU B 320 13.76 9.56 23.55
N LYS B 321 13.57 8.43 22.86
CA LYS B 321 13.97 7.11 23.34
C LYS B 321 13.37 6.82 24.71
N ALA B 322 12.05 6.85 24.76
CA ALA B 322 11.35 6.68 26.04
C ALA B 322 11.35 5.24 26.50
N ILE B 323 10.92 4.32 25.63
CA ILE B 323 10.78 2.92 26.02
C ILE B 323 12.13 2.32 26.38
N LYS B 324 13.13 2.54 25.52
CA LYS B 324 14.46 1.99 25.77
C LYS B 324 15.05 2.54 27.06
N THR B 325 14.66 3.75 27.44
CA THR B 325 15.13 4.31 28.70
C THR B 325 14.42 3.67 29.89
N ILE B 326 13.08 3.64 29.85
CA ILE B 326 12.33 3.18 31.02
C ILE B 326 12.57 1.69 31.26
N ILE B 327 12.80 0.91 30.20
CA ILE B 327 13.14 -0.49 30.41
C ILE B 327 14.49 -0.61 31.10
N GLY B 328 15.40 0.33 30.84
CA GLY B 328 16.74 0.23 31.40
C GLY B 328 16.78 0.47 32.89
N GLY B 329 16.12 1.53 33.36
CA GLY B 329 16.07 1.80 34.78
C GLY B 329 16.27 3.25 35.15
N ARG B 330 16.36 4.13 34.16
CA ARG B 330 16.53 5.55 34.47
C ARG B 330 15.28 6.10 35.14
N LYS B 331 15.47 7.15 35.94
CA LYS B 331 14.39 7.74 36.72
C LYS B 331 13.51 8.61 35.82
N VAL B 332 12.78 7.94 34.93
CA VAL B 332 11.90 8.60 33.99
C VAL B 332 10.47 8.12 34.22
N GLY B 333 9.52 8.99 33.91
CA GLY B 333 8.13 8.60 33.98
C GLY B 333 7.65 8.42 35.41
N THR B 334 6.89 7.35 35.63
CA THR B 334 6.31 7.07 36.92
C THR B 334 6.23 5.56 37.09
N PHE B 335 6.25 5.10 38.34
CA PHE B 335 6.33 3.67 38.61
C PHE B 335 5.43 3.35 39.79
N PHE B 336 4.52 2.41 39.59
CA PHE B 336 3.46 2.11 40.57
C PHE B 336 3.72 0.75 41.19
N THR B 337 4.05 0.73 42.48
CA THR B 337 4.28 -0.50 43.22
C THR B 337 4.36 -0.17 44.70
N GLU B 338 3.77 -1.03 45.52
CA GLU B 338 3.85 -0.91 46.96
C GLU B 338 5.27 -1.20 47.45
N PRO C 45 -42.12 -7.00 0.16
CA PRO C 45 -41.53 -5.87 -0.56
C PRO C 45 -42.51 -5.25 -1.54
N THR C 46 -41.99 -4.80 -2.68
CA THR C 46 -42.84 -4.21 -3.72
C THR C 46 -42.52 -4.83 -5.07
N PHE C 47 -41.30 -5.36 -5.21
CA PHE C 47 -40.89 -5.97 -6.48
C PHE C 47 -41.54 -7.33 -6.64
N THR C 48 -42.02 -7.61 -7.85
CA THR C 48 -42.61 -8.90 -8.16
C THR C 48 -41.91 -9.63 -9.29
N GLU C 49 -41.66 -8.96 -10.41
CA GLU C 49 -41.06 -9.58 -11.58
C GLU C 49 -39.65 -9.04 -11.80
N ARG C 50 -38.83 -9.83 -12.50
CA ARG C 50 -37.46 -9.43 -12.75
C ARG C 50 -37.36 -8.19 -13.62
N SER C 51 -38.42 -7.82 -14.33
CA SER C 51 -38.38 -6.59 -15.12
C SER C 51 -38.30 -5.35 -14.24
N GLN C 52 -38.79 -5.43 -13.01
CA GLN C 52 -38.80 -4.26 -12.14
C GLN C 52 -37.44 -4.00 -11.50
N LEU C 53 -36.53 -4.96 -11.55
CA LEU C 53 -35.27 -4.85 -10.80
C LEU C 53 -34.35 -3.79 -11.32
N LYS C 54 -34.73 -2.94 -12.28
CA LYS C 54 -33.90 -1.83 -12.67
C LYS C 54 -34.10 -0.61 -11.77
N TYR C 55 -35.06 -0.66 -10.85
CA TYR C 55 -35.38 0.47 -9.99
C TYR C 55 -35.05 0.21 -8.53
N ALA C 56 -34.08 -0.65 -8.26
CA ALA C 56 -33.62 -0.86 -6.90
C ALA C 56 -32.53 0.14 -6.55
N ARG C 57 -32.72 0.86 -5.45
CA ARG C 57 -31.84 1.97 -5.10
C ARG C 57 -30.86 1.62 -3.99
N ARG C 58 -30.85 0.39 -3.49
CA ARG C 58 -29.92 0.02 -2.44
C ARG C 58 -29.64 -1.48 -2.55
N LEU C 59 -28.52 -1.83 -3.15
CA LEU C 59 -28.10 -3.23 -3.24
C LEU C 59 -27.33 -3.63 -1.99
N VAL C 60 -27.27 -4.93 -1.75
CA VAL C 60 -26.35 -5.50 -0.77
C VAL C 60 -25.73 -6.73 -1.39
N VAL C 61 -24.54 -6.57 -2.00
CA VAL C 61 -23.85 -7.73 -2.54
C VAL C 61 -23.36 -8.61 -1.40
N LYS C 62 -23.00 -9.85 -1.74
CA LYS C 62 -22.43 -10.76 -0.74
C LYS C 62 -21.60 -11.79 -1.50
N LEU C 63 -20.30 -11.58 -1.53
CA LEU C 63 -19.40 -12.48 -2.24
C LEU C 63 -19.19 -13.73 -1.41
N GLY C 64 -19.60 -14.88 -1.95
CA GLY C 64 -19.50 -16.12 -1.21
C GLY C 64 -18.07 -16.61 -1.07
N SER C 65 -17.82 -17.36 -0.01
CA SER C 65 -16.48 -17.84 0.32
C SER C 65 -15.94 -18.82 -0.71
N ALA C 66 -16.73 -19.23 -1.69
CA ALA C 66 -16.28 -20.14 -2.73
C ALA C 66 -16.11 -19.45 -4.08
N VAL C 67 -16.40 -18.16 -4.17
CA VAL C 67 -16.28 -17.44 -5.43
C VAL C 67 -14.90 -16.82 -5.57
N ILE C 68 -14.38 -16.20 -4.52
CA ILE C 68 -13.17 -15.40 -4.64
C ILE C 68 -11.89 -16.16 -4.28
N THR C 69 -11.98 -17.22 -3.49
CA THR C 69 -10.79 -17.99 -3.14
C THR C 69 -10.55 -19.06 -4.20
N ARG C 70 -9.31 -19.11 -4.70
CA ARG C 70 -8.98 -20.06 -5.74
C ARG C 70 -9.14 -21.49 -5.22
N GLU C 71 -9.01 -22.45 -6.13
CA GLU C 71 -9.48 -23.80 -5.85
C GLU C 71 -8.49 -24.57 -4.99
N ASP C 72 -8.05 -23.94 -3.89
CA ASP C 72 -7.25 -24.60 -2.86
C ASP C 72 -7.66 -24.20 -1.45
N ASN C 73 -8.47 -23.16 -1.28
CA ASN C 73 -8.61 -22.43 -0.02
C ASN C 73 -7.25 -21.90 0.47
N HIS C 74 -6.30 -21.73 -0.45
CA HIS C 74 -4.93 -21.35 -0.14
C HIS C 74 -4.46 -20.28 -1.09
N GLY C 75 -5.27 -19.25 -1.30
CA GLY C 75 -4.90 -18.18 -2.20
C GLY C 75 -5.98 -17.11 -2.27
N LEU C 76 -6.09 -16.42 -3.41
CA LEU C 76 -7.14 -15.43 -3.58
C LEU C 76 -7.28 -15.23 -5.09
N ALA C 77 -8.30 -15.86 -5.68
CA ALA C 77 -8.49 -15.80 -7.13
C ALA C 77 -8.74 -14.37 -7.58
N LEU C 78 -7.79 -13.80 -8.33
CA LEU C 78 -7.90 -12.40 -8.71
C LEU C 78 -8.87 -12.16 -9.84
N GLY C 79 -9.09 -13.15 -10.71
CA GLY C 79 -9.98 -12.97 -11.83
C GLY C 79 -11.38 -12.60 -11.42
N ARG C 80 -12.03 -13.49 -10.67
CA ARG C 80 -13.41 -13.26 -10.25
C ARG C 80 -13.50 -12.08 -9.30
N LEU C 81 -12.51 -11.90 -8.42
CA LEU C 81 -12.56 -10.78 -7.48
C LEU C 81 -12.48 -9.45 -8.21
N ALA C 82 -11.57 -9.34 -9.18
CA ALA C 82 -11.47 -8.10 -9.95
C ALA C 82 -12.72 -7.87 -10.79
N SER C 83 -13.30 -8.93 -11.36
CA SER C 83 -14.53 -8.76 -12.13
C SER C 83 -15.66 -8.26 -11.24
N ILE C 84 -15.77 -8.80 -10.04
CA ILE C 84 -16.87 -8.42 -9.16
C ILE C 84 -16.67 -7.00 -8.62
N VAL C 85 -15.43 -6.64 -8.31
CA VAL C 85 -15.16 -5.26 -7.89
C VAL C 85 -15.47 -4.30 -9.03
N GLU C 86 -15.12 -4.68 -10.26
CA GLU C 86 -15.44 -3.83 -11.41
C GLU C 86 -16.95 -3.63 -11.53
N GLN C 87 -17.72 -4.72 -11.45
CA GLN C 87 -19.16 -4.59 -11.58
C GLN C 87 -19.77 -3.79 -10.45
N VAL C 88 -19.27 -3.97 -9.22
CA VAL C 88 -19.85 -3.25 -8.09
C VAL C 88 -19.52 -1.76 -8.16
N ALA C 89 -18.28 -1.42 -8.51
CA ALA C 89 -17.93 -0.01 -8.64
C ALA C 89 -18.72 0.64 -9.77
N GLU C 90 -18.90 -0.08 -10.88
CA GLU C 90 -19.68 0.48 -11.99
C GLU C 90 -21.13 0.69 -11.57
N CYS C 91 -21.71 -0.27 -10.85
CA CYS C 91 -23.08 -0.12 -10.40
C CYS C 91 -23.22 1.00 -9.38
N HIS C 92 -22.19 1.24 -8.58
CA HIS C 92 -22.24 2.32 -7.61
C HIS C 92 -22.08 3.68 -8.27
N LEU C 93 -21.27 3.78 -9.32
CA LEU C 93 -21.19 5.02 -10.08
C LEU C 93 -22.46 5.30 -10.89
N GLU C 94 -23.41 4.38 -10.89
CA GLU C 94 -24.66 4.54 -11.63
C GLU C 94 -25.74 5.26 -10.83
N GLY C 95 -25.53 5.46 -9.54
CA GLY C 95 -26.48 6.14 -8.69
C GLY C 95 -26.98 5.30 -7.53
N ARG C 96 -26.84 3.99 -7.59
CA ARG C 96 -27.26 3.14 -6.49
C ARG C 96 -26.30 3.30 -5.32
N GLU C 97 -26.61 2.60 -4.22
CA GLU C 97 -25.80 2.67 -3.00
C GLU C 97 -25.53 1.24 -2.55
N VAL C 98 -24.47 0.65 -3.10
CA VAL C 98 -24.15 -0.74 -2.81
C VAL C 98 -23.41 -0.84 -1.50
N MET C 99 -23.28 -2.06 -0.98
CA MET C 99 -22.62 -2.29 0.30
C MET C 99 -22.19 -3.75 0.32
N MET C 100 -20.92 -4.01 0.00
CA MET C 100 -20.47 -5.38 -0.12
C MET C 100 -20.46 -6.08 1.23
N VAL C 101 -20.51 -7.40 1.20
CA VAL C 101 -20.24 -8.24 2.35
C VAL C 101 -19.20 -9.25 1.88
N THR C 102 -17.93 -8.90 1.96
CA THR C 102 -16.87 -9.74 1.44
C THR C 102 -16.57 -10.86 2.43
N SER C 103 -16.70 -12.09 1.97
CA SER C 103 -16.26 -13.23 2.75
C SER C 103 -14.84 -13.60 2.37
N GLY C 104 -14.34 -14.69 2.96
CA GLY C 104 -13.02 -15.18 2.60
C GLY C 104 -11.89 -14.22 2.90
N ALA C 105 -11.64 -13.97 4.19
CA ALA C 105 -10.47 -13.23 4.61
C ALA C 105 -9.38 -14.12 5.18
N VAL C 106 -9.72 -15.36 5.54
CA VAL C 106 -8.71 -16.30 6.05
C VAL C 106 -7.75 -16.71 4.94
N ALA C 107 -8.23 -16.76 3.70
CA ALA C 107 -7.38 -17.21 2.60
C ALA C 107 -6.23 -16.25 2.36
N PHE C 108 -6.52 -14.94 2.39
CA PHE C 108 -5.46 -13.97 2.16
C PHE C 108 -4.41 -14.04 3.26
N GLY C 109 -4.83 -14.25 4.51
CA GLY C 109 -3.86 -14.36 5.59
C GLY C 109 -3.02 -15.62 5.49
N LYS C 110 -3.67 -16.73 5.15
CA LYS C 110 -2.93 -17.98 4.95
C LYS C 110 -1.86 -17.82 3.89
N GLN C 111 -2.22 -17.22 2.75
CA GLN C 111 -1.25 -17.05 1.68
C GLN C 111 -0.21 -15.99 2.03
N LYS C 112 -0.57 -14.97 2.80
CA LYS C 112 0.39 -13.95 3.17
C LYS C 112 1.43 -14.49 4.12
N LEU C 113 1.03 -15.39 5.02
CA LEU C 113 2.03 -16.00 5.90
C LEU C 113 2.82 -17.06 5.14
N ALA C 114 2.19 -18.20 4.83
CA ALA C 114 2.77 -19.22 3.97
C ALA C 114 4.16 -19.70 4.39
N GLN C 115 4.77 -19.05 5.39
CA GLN C 115 6.10 -19.41 5.84
C GLN C 115 6.13 -19.67 7.34
N GLU C 116 5.54 -18.74 8.10
CA GLU C 116 5.51 -18.87 9.55
C GLU C 116 4.52 -19.94 10.01
N LEU C 117 3.53 -20.27 9.19
CA LEU C 117 2.69 -21.43 9.44
C LEU C 117 3.42 -22.72 9.08
N LEU C 118 4.23 -22.68 8.02
CA LEU C 118 4.98 -23.86 7.61
C LEU C 118 6.02 -24.23 8.67
N MET C 119 6.88 -23.30 9.03
CA MET C 119 7.92 -23.56 10.02
C MET C 119 7.35 -23.89 11.40
N SER C 120 6.07 -23.61 11.64
CA SER C 120 5.45 -23.94 12.91
C SER C 120 4.67 -25.25 12.88
N LEU C 121 4.22 -25.69 11.70
CA LEU C 121 3.52 -26.96 11.59
C LEU C 121 4.42 -28.16 11.84
N SER C 122 5.73 -27.97 11.93
CA SER C 122 6.65 -29.04 12.27
C SER C 122 7.07 -29.03 13.73
N MET C 123 7.02 -27.87 14.38
CA MET C 123 7.36 -27.76 15.80
C MET C 123 6.13 -27.75 16.71
N ARG C 124 4.93 -27.69 16.14
CA ARG C 124 3.72 -27.78 16.95
C ARG C 124 2.85 -28.95 16.48
N PRO C 142 -5.68 -20.47 12.82
CA PRO C 142 -6.71 -19.99 11.89
C PRO C 142 -7.15 -18.56 12.18
N ARG C 143 -7.37 -18.22 13.45
CA ARG C 143 -7.80 -16.87 13.79
C ARG C 143 -6.70 -15.85 13.49
N ALA C 144 -5.43 -16.23 13.70
CA ALA C 144 -4.33 -15.34 13.36
C ALA C 144 -4.31 -15.07 11.86
N ALA C 145 -4.45 -16.13 11.06
CA ALA C 145 -4.55 -15.95 9.62
C ALA C 145 -5.72 -15.06 9.26
N ALA C 146 -6.84 -15.21 9.97
CA ALA C 146 -8.01 -14.38 9.69
C ALA C 146 -7.72 -12.91 9.94
N ALA C 147 -7.03 -12.59 11.04
CA ALA C 147 -6.72 -11.19 11.34
C ALA C 147 -5.77 -10.59 10.31
N VAL C 148 -4.64 -11.26 10.08
CA VAL C 148 -3.68 -10.76 9.10
C VAL C 148 -4.33 -10.62 7.73
N GLY C 149 -5.20 -11.56 7.37
CA GLY C 149 -5.86 -11.49 6.09
C GLY C 149 -6.86 -10.36 6.00
N GLN C 150 -7.59 -10.09 7.08
CA GLN C 150 -8.51 -8.97 7.06
C GLN C 150 -7.77 -7.69 6.74
N SER C 151 -6.64 -7.47 7.43
CA SER C 151 -5.86 -6.26 7.16
C SER C 151 -5.42 -6.19 5.70
N GLY C 152 -4.75 -7.24 5.22
CA GLY C 152 -4.22 -7.20 3.86
C GLY C 152 -5.30 -7.09 2.80
N LEU C 153 -6.42 -7.76 3.02
CA LEU C 153 -7.50 -7.75 2.05
C LEU C 153 -8.17 -6.39 1.99
N MET C 154 -8.29 -5.71 3.13
CA MET C 154 -8.81 -4.36 3.08
C MET C 154 -7.87 -3.44 2.30
N SER C 155 -6.56 -3.65 2.45
CA SER C 155 -5.63 -2.86 1.65
C SER C 155 -5.83 -3.11 0.16
N LEU C 156 -5.97 -4.37 -0.23
CA LEU C 156 -6.10 -4.70 -1.65
C LEU C 156 -7.41 -4.17 -2.23
N TYR C 157 -8.50 -4.30 -1.46
CA TYR C 157 -9.76 -3.71 -1.89
C TYR C 157 -9.64 -2.20 -2.05
N ASP C 158 -8.94 -1.56 -1.13
CA ASP C 158 -8.73 -0.12 -1.24
C ASP C 158 -8.08 0.24 -2.56
N ALA C 159 -7.02 -0.50 -2.93
CA ALA C 159 -6.35 -0.23 -4.20
C ALA C 159 -7.31 -0.44 -5.37
N MET C 160 -7.89 -1.64 -5.46
CA MET C 160 -8.70 -1.97 -6.63
C MET C 160 -10.02 -1.23 -6.69
N PHE C 161 -10.42 -0.54 -5.63
CA PHE C 161 -11.62 0.29 -5.68
C PHE C 161 -11.27 1.73 -6.00
N ALA C 162 -10.27 2.29 -5.33
CA ALA C 162 -9.80 3.62 -5.69
C ALA C 162 -9.29 3.68 -7.12
N GLN C 163 -9.06 2.53 -7.75
CA GLN C 163 -8.80 2.58 -9.19
C GLN C 163 -10.04 2.93 -10.01
N TYR C 164 -11.20 3.12 -9.37
CA TYR C 164 -12.40 3.59 -10.04
C TYR C 164 -12.91 4.91 -9.47
N GLY C 165 -12.19 5.51 -8.52
CA GLY C 165 -12.62 6.73 -7.88
C GLY C 165 -13.33 6.55 -6.56
N VAL C 166 -13.84 5.35 -6.29
CA VAL C 166 -14.59 5.12 -5.07
C VAL C 166 -13.67 5.07 -3.86
N LYS C 167 -14.25 5.28 -2.69
CA LYS C 167 -13.58 5.05 -1.41
C LYS C 167 -14.34 3.97 -0.65
N ILE C 168 -13.63 3.24 0.21
CA ILE C 168 -14.23 2.18 1.01
C ILE C 168 -13.90 2.41 2.48
N ALA C 169 -14.56 1.65 3.34
CA ALA C 169 -14.45 1.85 4.77
C ALA C 169 -14.79 0.54 5.47
N GLN C 170 -13.77 -0.17 5.94
CA GLN C 170 -13.98 -1.47 6.56
C GLN C 170 -14.84 -1.35 7.80
N VAL C 171 -16.00 -1.97 7.78
CA VAL C 171 -16.87 -2.07 8.94
C VAL C 171 -16.85 -3.52 9.39
N LEU C 172 -16.55 -3.75 10.67
CA LEU C 172 -16.44 -5.10 11.20
C LEU C 172 -17.55 -5.33 12.22
N VAL C 173 -18.43 -6.27 11.94
CA VAL C 173 -19.55 -6.62 12.81
C VAL C 173 -19.51 -8.12 13.07
N THR C 174 -20.40 -8.58 13.94
CA THR C 174 -20.64 -10.00 14.11
C THR C 174 -22.10 -10.20 14.49
N LYS C 175 -22.58 -11.43 14.31
CA LYS C 175 -23.99 -11.73 14.53
C LYS C 175 -24.51 -11.27 15.89
N PRO C 176 -23.78 -11.40 17.00
CA PRO C 176 -24.29 -10.85 18.26
C PRO C 176 -24.46 -9.34 18.25
N ASP C 177 -23.81 -8.62 17.33
CA ASP C 177 -24.00 -7.18 17.28
C ASP C 177 -25.35 -6.77 16.73
N PHE C 178 -26.12 -7.72 16.19
CA PHE C 178 -27.43 -7.43 15.64
C PHE C 178 -28.57 -7.81 16.58
N TYR C 179 -28.27 -8.09 17.84
CA TYR C 179 -29.27 -8.53 18.80
C TYR C 179 -29.56 -7.50 19.88
N ASN C 180 -28.53 -6.87 20.44
CA ASN C 180 -28.76 -5.80 21.40
C ASN C 180 -29.16 -4.53 20.67
N GLU C 181 -29.95 -3.68 21.34
CA GLU C 181 -30.50 -2.50 20.69
C GLU C 181 -29.49 -1.38 20.57
N GLU C 182 -28.63 -1.21 21.58
CA GLU C 182 -27.64 -0.14 21.54
C GLU C 182 -26.67 -0.34 20.38
N THR C 183 -26.12 -1.55 20.25
CA THR C 183 -25.20 -1.82 19.16
C THR C 183 -25.89 -1.73 17.80
N ARG C 184 -27.17 -2.15 17.73
CA ARG C 184 -27.88 -2.03 16.47
C ARG C 184 -28.06 -0.57 16.06
N ASN C 185 -28.43 0.28 17.03
CA ASN C 185 -28.55 1.70 16.75
C ASN C 185 -27.21 2.28 16.31
N ASN C 186 -26.14 1.94 17.02
CA ASN C 186 -24.82 2.45 16.66
C ASN C 186 -24.43 2.03 15.25
N LEU C 187 -24.64 0.76 14.92
CA LEU C 187 -24.24 0.26 13.62
C LEU C 187 -25.07 0.89 12.51
N PHE C 188 -26.38 1.07 12.73
CA PHE C 188 -27.19 1.72 11.71
C PHE C 188 -26.77 3.16 11.49
N CYS C 189 -26.45 3.87 12.59
CA CYS C 189 -25.98 5.24 12.44
C CYS C 189 -24.68 5.28 11.66
N THR C 190 -23.76 4.35 11.96
CA THR C 190 -22.50 4.29 11.23
C THR C 190 -22.75 4.07 9.75
N LEU C 191 -23.58 3.08 9.41
CA LEU C 191 -23.81 2.76 8.01
C LEU C 191 -24.51 3.89 7.27
N SER C 192 -25.43 4.60 7.92
CA SER C 192 -26.09 5.70 7.24
C SER C 192 -25.15 6.89 7.05
N GLU C 193 -24.33 7.18 8.07
CA GLU C 193 -23.34 8.25 7.91
C GLU C 193 -22.31 7.89 6.86
N LEU C 194 -22.08 6.60 6.62
CA LEU C 194 -21.12 6.18 5.61
C LEU C 194 -21.74 6.21 4.22
N ILE C 195 -23.02 5.82 4.10
CA ILE C 195 -23.69 5.86 2.81
C ILE C 195 -23.90 7.29 2.35
N SER C 196 -24.27 8.19 3.27
CA SER C 196 -24.50 9.57 2.90
C SER C 196 -23.22 10.30 2.53
N LEU C 197 -22.07 9.65 2.57
CA LEU C 197 -20.79 10.27 2.25
C LEU C 197 -20.20 9.76 0.95
N ASN C 198 -20.94 8.96 0.18
CA ASN C 198 -20.44 8.34 -1.04
C ASN C 198 -19.23 7.45 -0.73
N ILE C 199 -19.48 6.45 0.11
CA ILE C 199 -18.49 5.46 0.50
C ILE C 199 -19.13 4.08 0.38
N VAL C 200 -18.31 3.08 0.09
CA VAL C 200 -18.80 1.71 -0.06
C VAL C 200 -18.32 0.90 1.14
N PRO C 201 -19.14 0.73 2.17
CA PRO C 201 -18.70 -0.06 3.32
C PRO C 201 -18.54 -1.52 2.97
N ILE C 202 -17.58 -2.16 3.61
CA ILE C 202 -17.24 -3.56 3.36
C ILE C 202 -17.36 -4.28 4.69
N ILE C 203 -18.43 -5.05 4.85
CA ILE C 203 -18.86 -5.54 6.15
C ILE C 203 -18.37 -6.98 6.30
N ASN C 204 -17.16 -7.14 6.82
CA ASN C 204 -16.66 -8.45 7.19
C ASN C 204 -17.15 -8.83 8.58
N THR C 205 -17.02 -10.11 8.91
CA THR C 205 -17.37 -10.60 10.24
C THR C 205 -16.17 -10.52 11.16
N ASN C 206 -16.41 -10.15 12.42
CA ASN C 206 -15.32 -10.06 13.38
C ASN C 206 -14.69 -11.43 13.56
N ASP C 207 -13.42 -11.56 13.18
CA ASP C 207 -12.76 -12.86 13.21
C ASP C 207 -12.27 -13.23 14.60
N ALA C 208 -11.84 -12.25 15.39
CA ALA C 208 -11.30 -12.50 16.72
C ALA C 208 -12.36 -12.76 17.77
N VAL C 209 -13.64 -12.68 17.43
CA VAL C 209 -14.71 -12.95 18.38
C VAL C 209 -15.64 -13.96 17.70
N SER C 210 -15.08 -14.77 16.81
CA SER C 210 -15.86 -15.78 16.11
C SER C 210 -15.36 -17.16 16.50
N PRO C 211 -16.23 -18.07 16.96
CA PRO C 211 -15.88 -19.43 17.37
C PRO C 211 -15.17 -20.22 16.26
N ASP C 232 -20.58 -19.44 6.92
CA ASP C 232 -20.30 -18.85 5.62
C ASP C 232 -21.05 -17.54 5.43
N ASN C 233 -21.01 -16.70 6.47
CA ASN C 233 -21.65 -15.38 6.54
C ASN C 233 -22.79 -15.03 5.57
N ASP C 234 -23.84 -15.85 5.58
CA ASP C 234 -25.01 -15.63 4.75
C ASP C 234 -26.21 -15.15 5.57
N SER C 235 -26.46 -15.79 6.71
CA SER C 235 -27.47 -15.29 7.63
C SER C 235 -27.14 -13.86 8.05
N LEU C 236 -25.86 -13.57 8.26
CA LEU C 236 -25.45 -12.20 8.56
C LEU C 236 -25.84 -11.25 7.45
N SER C 237 -25.62 -11.64 6.20
CA SER C 237 -25.97 -10.76 5.09
C SER C 237 -27.48 -10.56 5.01
N ALA C 238 -28.26 -11.61 5.22
CA ALA C 238 -29.71 -11.47 5.21
C ALA C 238 -30.18 -10.51 6.30
N MET C 239 -29.68 -10.70 7.53
CA MET C 239 -30.09 -9.84 8.63
C MET C 239 -29.64 -8.40 8.42
N LEU C 240 -28.45 -8.21 7.84
CA LEU C 240 -27.96 -6.87 7.55
C LEU C 240 -28.83 -6.17 6.52
N ALA C 241 -29.19 -6.89 5.45
CA ALA C 241 -30.10 -6.32 4.47
C ALA C 241 -31.44 -6.00 5.11
N ALA C 242 -31.88 -6.83 6.04
CA ALA C 242 -33.16 -6.58 6.72
C ALA C 242 -33.11 -5.28 7.52
N GLU C 243 -32.08 -5.12 8.35
CA GLU C 243 -32.00 -3.94 9.22
C GLU C 243 -31.93 -2.66 8.39
N VAL C 244 -30.99 -2.59 7.44
CA VAL C 244 -30.90 -1.43 6.56
C VAL C 244 -32.07 -1.34 5.60
N GLN C 245 -32.86 -2.43 5.46
CA GLN C 245 -34.05 -2.46 4.62
C GLN C 245 -33.70 -2.09 3.17
N ALA C 246 -32.95 -2.99 2.55
CA ALA C 246 -32.51 -2.83 1.17
C ALA C 246 -33.53 -3.38 0.20
N ASP C 247 -33.56 -2.78 -0.99
CA ASP C 247 -34.49 -3.23 -2.02
C ASP C 247 -34.12 -4.61 -2.54
N LEU C 248 -32.87 -4.78 -2.94
CA LEU C 248 -32.36 -6.04 -3.44
C LEU C 248 -31.41 -6.66 -2.43
N LEU C 249 -31.07 -7.91 -2.66
CA LEU C 249 -29.99 -8.56 -1.90
C LEU C 249 -29.40 -9.62 -2.83
N ILE C 250 -28.36 -9.23 -3.56
CA ILE C 250 -27.67 -10.17 -4.43
C ILE C 250 -26.82 -11.06 -3.56
N LEU C 251 -26.90 -12.37 -3.78
CA LEU C 251 -26.21 -13.35 -2.96
C LEU C 251 -25.43 -14.26 -3.90
N MET C 252 -24.24 -13.81 -4.31
CA MET C 252 -23.42 -14.59 -5.21
C MET C 252 -22.97 -15.88 -4.53
N SER C 253 -22.76 -16.91 -5.34
CA SER C 253 -22.39 -18.22 -4.81
C SER C 253 -21.77 -19.05 -5.94
N ASP C 254 -21.64 -20.35 -5.68
CA ASP C 254 -21.02 -21.28 -6.61
C ASP C 254 -22.03 -22.04 -7.45
N VAL C 255 -23.14 -22.48 -6.86
CA VAL C 255 -24.16 -23.21 -7.58
C VAL C 255 -24.88 -22.26 -8.52
N ASP C 256 -25.29 -22.76 -9.68
CA ASP C 256 -25.95 -21.92 -10.68
C ASP C 256 -27.27 -21.34 -10.18
N GLY C 257 -27.89 -21.97 -9.19
CA GLY C 257 -29.16 -21.51 -8.68
C GLY C 257 -29.78 -22.49 -7.72
N ILE C 258 -31.07 -22.78 -7.91
CA ILE C 258 -31.78 -23.75 -7.07
C ILE C 258 -32.49 -24.73 -7.99
N TYR C 259 -32.20 -26.01 -7.81
CA TYR C 259 -32.77 -27.04 -8.66
C TYR C 259 -34.03 -27.61 -8.02
N ASN C 260 -34.69 -28.51 -8.74
CA ASN C 260 -35.87 -29.18 -8.23
C ASN C 260 -35.52 -30.42 -7.42
N LYS C 261 -34.39 -31.04 -7.71
CA LYS C 261 -33.92 -32.21 -6.99
C LYS C 261 -32.40 -32.22 -7.11
N PRO C 262 -31.73 -33.08 -6.34
CA PRO C 262 -30.28 -33.22 -6.50
C PRO C 262 -29.91 -33.48 -7.94
N PRO C 263 -28.72 -33.03 -8.38
CA PRO C 263 -28.38 -33.11 -9.80
C PRO C 263 -28.36 -34.53 -10.35
N TRP C 264 -28.02 -35.53 -9.54
CA TRP C 264 -27.97 -36.91 -9.99
C TRP C 264 -29.37 -37.53 -9.98
N GLU C 265 -30.26 -36.91 -10.78
CA GLU C 265 -31.64 -37.37 -10.83
C GLU C 265 -32.27 -36.91 -12.13
N ASP C 266 -33.31 -37.63 -12.55
CA ASP C 266 -34.04 -37.30 -13.78
C ASP C 266 -35.02 -36.16 -13.48
N GLY C 267 -34.84 -35.04 -14.17
CA GLY C 267 -35.75 -33.92 -14.01
C GLY C 267 -35.17 -32.79 -13.17
N ALA C 268 -33.90 -32.48 -13.38
CA ALA C 268 -33.22 -31.41 -12.65
C ALA C 268 -33.62 -30.04 -13.20
N LYS C 269 -34.92 -29.76 -13.12
CA LYS C 269 -35.46 -28.51 -13.64
C LYS C 269 -35.08 -27.36 -12.72
N LEU C 270 -34.20 -26.48 -13.17
CA LEU C 270 -33.85 -25.30 -12.41
C LEU C 270 -35.06 -24.39 -12.27
N MET C 271 -35.32 -23.94 -11.04
CA MET C 271 -36.44 -23.05 -10.76
C MET C 271 -35.93 -21.62 -10.64
N HIS C 272 -36.10 -20.85 -11.72
CA HIS C 272 -35.70 -19.45 -11.68
C HIS C 272 -36.49 -18.68 -10.63
N THR C 273 -37.80 -18.59 -10.81
CA THR C 273 -38.63 -17.98 -9.78
C THR C 273 -38.78 -18.95 -8.61
N TYR C 274 -39.34 -18.43 -7.52
CA TYR C 274 -39.59 -19.26 -6.34
C TYR C 274 -40.91 -18.87 -5.72
N THR C 275 -41.81 -19.84 -5.58
CA THR C 275 -43.13 -19.61 -5.03
C THR C 275 -43.05 -19.19 -3.56
N SER C 297 -30.09 -23.13 4.73
CA SER C 297 -28.94 -22.33 4.34
C SER C 297 -29.36 -21.12 3.52
N LYS C 298 -28.91 -21.09 2.26
CA LYS C 298 -29.26 -19.97 1.38
C LYS C 298 -30.77 -19.87 1.20
N VAL C 299 -31.45 -21.00 1.01
CA VAL C 299 -32.89 -20.99 0.82
C VAL C 299 -33.60 -20.45 2.05
N LYS C 300 -33.14 -20.86 3.23
CA LYS C 300 -33.78 -20.41 4.46
C LYS C 300 -33.57 -18.92 4.68
N ALA C 301 -32.33 -18.45 4.46
CA ALA C 301 -32.06 -17.02 4.59
C ALA C 301 -32.86 -16.22 3.58
N ALA C 302 -33.05 -16.76 2.37
CA ALA C 302 -33.83 -16.07 1.37
C ALA C 302 -35.29 -15.98 1.77
N THR C 303 -35.85 -17.07 2.30
CA THR C 303 -37.22 -17.01 2.81
C THR C 303 -37.36 -15.97 3.91
N TRP C 304 -36.42 -15.97 4.86
CA TRP C 304 -36.41 -14.96 5.91
C TRP C 304 -36.45 -13.55 5.33
N ALA C 305 -35.46 -13.22 4.49
CA ALA C 305 -35.39 -11.88 3.94
C ALA C 305 -36.61 -11.54 3.10
N LEU C 306 -37.26 -12.55 2.52
CA LEU C 306 -38.52 -12.31 1.83
C LEU C 306 -39.59 -11.87 2.82
N ASP C 307 -39.69 -12.57 3.95
CA ASP C 307 -40.66 -12.17 4.96
C ASP C 307 -40.33 -10.82 5.58
N ARG C 308 -39.08 -10.37 5.48
CA ARG C 308 -38.68 -9.09 6.07
C ARG C 308 -38.64 -7.97 5.04
N GLY C 309 -39.18 -8.19 3.84
CA GLY C 309 -39.27 -7.15 2.84
C GLY C 309 -38.10 -7.04 1.89
N VAL C 310 -37.34 -8.11 1.68
CA VAL C 310 -36.15 -8.10 0.85
C VAL C 310 -36.30 -9.18 -0.21
N SER C 311 -36.10 -8.80 -1.48
CA SER C 311 -36.21 -9.72 -2.61
C SER C 311 -34.83 -10.29 -2.90
N VAL C 312 -34.57 -11.48 -2.37
CA VAL C 312 -33.27 -12.11 -2.53
C VAL C 312 -33.10 -12.62 -3.95
N VAL C 313 -31.85 -12.63 -4.41
CA VAL C 313 -31.49 -13.16 -5.72
C VAL C 313 -30.18 -13.90 -5.57
N ILE C 314 -30.12 -15.11 -6.13
CA ILE C 314 -28.95 -15.98 -6.00
C ILE C 314 -28.40 -16.25 -7.38
N CYS C 315 -27.27 -15.64 -7.71
CA CYS C 315 -26.66 -15.77 -9.02
C CYS C 315 -25.53 -16.79 -8.97
N ASN C 316 -24.85 -16.94 -10.11
CA ASN C 316 -23.66 -17.77 -10.22
C ASN C 316 -22.46 -16.84 -10.35
N GLY C 317 -21.46 -17.06 -9.50
CA GLY C 317 -20.34 -16.13 -9.44
C GLY C 317 -19.49 -16.14 -10.71
N MET C 318 -19.16 -17.33 -11.20
CA MET C 318 -18.23 -17.45 -12.31
C MET C 318 -18.78 -16.91 -13.63
N GLN C 319 -20.09 -16.69 -13.72
CA GLN C 319 -20.67 -16.17 -14.96
C GLN C 319 -20.26 -14.73 -15.17
N GLU C 320 -19.71 -14.43 -16.36
CA GLU C 320 -19.21 -13.10 -16.63
C GLU C 320 -20.34 -12.07 -16.62
N LYS C 321 -20.05 -10.91 -16.02
CA LYS C 321 -20.99 -9.80 -15.94
C LYS C 321 -22.30 -10.23 -15.29
N ALA C 322 -22.19 -10.73 -14.07
CA ALA C 322 -23.36 -11.27 -13.38
C ALA C 322 -24.27 -10.18 -12.87
N ILE C 323 -23.72 -9.21 -12.12
CA ILE C 323 -24.55 -8.19 -11.50
C ILE C 323 -25.24 -7.34 -12.55
N LYS C 324 -24.48 -6.89 -13.55
CA LYS C 324 -25.05 -6.05 -14.60
C LYS C 324 -26.14 -6.78 -15.37
N THR C 325 -26.04 -8.10 -15.44
CA THR C 325 -27.08 -8.88 -16.10
C THR C 325 -28.33 -8.99 -15.22
N ILE C 326 -28.15 -9.40 -13.96
CA ILE C 326 -29.30 -9.67 -13.11
C ILE C 326 -30.06 -8.38 -12.81
N ILE C 327 -29.37 -7.25 -12.73
CA ILE C 327 -30.07 -5.99 -12.55
C ILE C 327 -30.91 -5.68 -13.77
N GLY C 328 -30.45 -6.09 -14.96
CA GLY C 328 -31.16 -5.75 -16.18
C GLY C 328 -32.48 -6.47 -16.33
N GLY C 329 -32.48 -7.79 -16.09
CA GLY C 329 -33.71 -8.55 -16.17
C GLY C 329 -33.60 -9.88 -16.88
N ARG C 330 -32.38 -10.26 -17.26
CA ARG C 330 -32.20 -11.55 -17.93
C ARG C 330 -32.50 -12.69 -16.97
N LYS C 331 -32.91 -13.82 -17.53
CA LYS C 331 -33.32 -14.99 -16.75
C LYS C 331 -32.08 -15.72 -16.23
N VAL C 332 -31.40 -15.06 -15.29
CA VAL C 332 -30.19 -15.60 -14.69
C VAL C 332 -30.41 -15.75 -13.18
N GLY C 333 -29.72 -16.72 -12.60
CA GLY C 333 -29.75 -16.88 -11.17
C GLY C 333 -31.09 -17.39 -10.67
N THR C 334 -31.57 -16.80 -9.59
CA THR C 334 -32.82 -17.22 -8.97
C THR C 334 -33.47 -15.98 -8.36
N PHE C 335 -34.79 -16.02 -8.23
CA PHE C 335 -35.54 -14.85 -7.80
C PHE C 335 -36.64 -15.29 -6.86
N PHE C 336 -36.68 -14.71 -5.67
CA PHE C 336 -37.57 -15.16 -4.59
C PHE C 336 -38.64 -14.11 -4.36
N THR C 337 -39.88 -14.44 -4.68
CA THR C 337 -41.02 -13.55 -4.46
C THR C 337 -42.30 -14.34 -4.68
N GLU C 338 -43.29 -14.09 -3.83
CA GLU C 338 -44.61 -14.69 -3.97
C GLU C 338 -45.32 -14.12 -5.20
N PRO D 45 24.28 34.39 -7.14
CA PRO D 45 22.88 34.51 -6.73
C PRO D 45 22.54 35.91 -6.28
N THR D 46 21.67 36.01 -5.27
CA THR D 46 21.29 37.30 -4.71
C THR D 46 21.39 37.27 -3.19
N PHE D 47 21.29 36.07 -2.61
CA PHE D 47 21.37 35.94 -1.16
C PHE D 47 22.80 36.09 -0.69
N THR D 48 22.98 36.83 0.41
CA THR D 48 24.30 37.01 1.00
C THR D 48 24.38 36.54 2.44
N GLU D 49 23.44 36.93 3.29
CA GLU D 49 23.47 36.59 4.70
C GLU D 49 22.33 35.62 5.02
N ARG D 50 22.52 34.87 6.12
CA ARG D 50 21.52 33.90 6.52
C ARG D 50 20.20 34.53 6.91
N SER D 51 20.17 35.83 7.20
CA SER D 51 18.91 36.49 7.51
C SER D 51 17.99 36.54 6.30
N GLN D 52 18.54 36.52 5.09
CA GLN D 52 17.72 36.63 3.89
C GLN D 52 17.05 35.32 3.52
N LEU D 53 17.48 34.20 4.10
CA LEU D 53 17.01 32.89 3.66
C LEU D 53 15.57 32.62 3.98
N LYS D 54 14.78 33.57 4.47
CA LYS D 54 13.36 33.36 4.63
C LYS D 54 12.58 33.65 3.36
N TYR D 55 13.24 34.16 2.32
CA TYR D 55 12.58 34.53 1.07
C TYR D 55 13.00 33.65 -0.09
N ALA D 56 13.39 32.41 0.17
CA ALA D 56 13.68 31.48 -0.90
C ALA D 56 12.41 30.75 -1.32
N ARG D 57 12.11 30.78 -2.61
CA ARG D 57 10.84 30.27 -3.11
C ARG D 57 10.97 28.91 -3.79
N ARG D 58 12.16 28.31 -3.82
CA ARG D 58 12.32 27.01 -4.45
C ARG D 58 13.48 26.29 -3.77
N LEU D 59 13.17 25.40 -2.85
CA LEU D 59 14.19 24.58 -2.20
C LEU D 59 14.49 23.34 -3.04
N VAL D 60 15.66 22.76 -2.79
CA VAL D 60 15.97 21.43 -3.29
C VAL D 60 16.64 20.67 -2.16
N VAL D 61 15.87 19.90 -1.39
CA VAL D 61 16.45 19.08 -0.35
C VAL D 61 17.27 17.96 -0.98
N LYS D 62 18.12 17.34 -0.17
CA LYS D 62 18.90 16.18 -0.64
C LYS D 62 19.27 15.36 0.59
N LEU D 63 18.52 14.30 0.83
CA LEU D 63 18.77 13.45 1.99
C LEU D 63 19.96 12.55 1.71
N GLY D 64 21.02 12.70 2.50
CA GLY D 64 22.22 11.94 2.27
C GLY D 64 22.06 10.48 2.63
N SER D 65 22.85 9.64 1.97
CA SER D 65 22.77 8.19 2.14
C SER D 65 23.17 7.73 3.54
N ALA D 66 23.64 8.62 4.39
CA ALA D 66 24.02 8.26 5.76
C ALA D 66 23.04 8.82 6.79
N VAL D 67 22.02 9.54 6.37
CA VAL D 67 21.05 10.11 7.29
C VAL D 67 19.88 9.17 7.52
N ILE D 68 19.35 8.56 6.46
CA ILE D 68 18.10 7.83 6.56
C ILE D 68 18.30 6.32 6.79
N THR D 69 19.44 5.76 6.41
CA THR D 69 19.69 4.34 6.61
C THR D 69 20.27 4.12 8.00
N ARG D 70 19.67 3.19 8.75
CA ARG D 70 20.13 2.94 10.11
C ARG D 70 21.57 2.41 10.08
N GLU D 71 22.15 2.28 11.27
CA GLU D 71 23.59 2.13 11.37
C GLU D 71 24.03 0.70 11.06
N ASP D 72 23.54 0.16 9.95
CA ASP D 72 24.00 -1.12 9.41
C ASP D 72 24.14 -1.11 7.89
N ASN D 73 23.61 -0.10 7.20
CA ASN D 73 23.32 -0.16 5.77
C ASN D 73 22.38 -1.33 5.45
N HIS D 74 21.62 -1.79 6.44
CA HIS D 74 20.77 -2.96 6.33
C HIS D 74 19.41 -2.69 6.94
N GLY D 75 18.81 -1.55 6.60
CA GLY D 75 17.52 -1.20 7.14
C GLY D 75 17.03 0.13 6.59
N LEU D 76 16.23 0.85 7.37
CA LEU D 76 15.77 2.17 6.96
C LEU D 76 15.32 2.89 8.23
N ALA D 77 16.17 3.76 8.76
CA ALA D 77 15.89 4.44 10.02
C ALA D 77 14.64 5.31 9.89
N LEU D 78 13.57 4.93 10.59
CA LEU D 78 12.31 5.63 10.43
C LEU D 78 12.26 6.95 11.17
N GLY D 79 13.03 7.10 12.25
CA GLY D 79 13.00 8.33 13.01
C GLY D 79 13.38 9.54 12.20
N ARG D 80 14.60 9.54 11.67
CA ARG D 80 15.08 10.69 10.91
C ARG D 80 14.30 10.85 9.61
N LEU D 81 13.92 9.74 8.98
CA LEU D 81 13.17 9.85 7.72
C LEU D 81 11.81 10.48 7.95
N ALA D 82 11.10 10.06 9.00
CA ALA D 82 9.81 10.66 9.30
C ALA D 82 9.96 12.12 9.70
N SER D 83 11.01 12.46 10.46
CA SER D 83 11.21 13.85 10.83
C SER D 83 11.45 14.71 9.60
N ILE D 84 12.25 14.21 8.66
CA ILE D 84 12.58 15.01 7.48
C ILE D 84 11.37 15.13 6.55
N VAL D 85 10.59 14.06 6.42
CA VAL D 85 9.37 14.16 5.62
C VAL D 85 8.40 15.15 6.26
N GLU D 86 8.31 15.13 7.59
CA GLU D 86 7.45 16.10 8.29
C GLU D 86 7.90 17.53 7.99
N GLN D 87 9.20 17.80 8.12
CA GLN D 87 9.68 19.15 7.87
C GLN D 87 9.49 19.57 6.43
N VAL D 88 9.71 18.65 5.48
CA VAL D 88 9.58 19.02 4.07
C VAL D 88 8.12 19.26 3.70
N ALA D 89 7.21 18.41 4.18
CA ALA D 89 5.80 18.64 3.89
C ALA D 89 5.32 19.93 4.53
N GLU D 90 5.78 20.23 5.75
CA GLU D 90 5.38 21.48 6.39
C GLU D 90 5.91 22.68 5.62
N CYS D 91 7.16 22.61 5.16
CA CYS D 91 7.72 23.71 4.39
C CYS D 91 7.03 23.87 3.05
N HIS D 92 6.55 22.77 2.46
CA HIS D 92 5.85 22.86 1.19
C HIS D 92 4.44 23.41 1.37
N LEU D 93 3.77 23.10 2.47
CA LEU D 93 2.48 23.71 2.76
C LEU D 93 2.60 25.19 3.12
N GLU D 94 3.82 25.71 3.22
CA GLU D 94 4.05 27.11 3.57
C GLU D 94 4.06 28.02 2.35
N GLY D 95 4.08 27.47 1.15
CA GLY D 95 4.09 28.25 -0.07
C GLY D 95 5.29 28.00 -0.96
N ARG D 96 6.36 27.44 -0.42
CA ARG D 96 7.53 27.15 -1.22
C ARG D 96 7.25 25.96 -2.14
N GLU D 97 8.23 25.62 -2.97
CA GLU D 97 8.09 24.52 -3.93
C GLU D 97 9.33 23.64 -3.78
N VAL D 98 9.27 22.69 -2.85
CA VAL D 98 10.41 21.83 -2.56
C VAL D 98 10.47 20.70 -3.56
N MET D 99 11.61 19.99 -3.59
CA MET D 99 11.80 18.90 -4.53
C MET D 99 12.90 18.01 -3.95
N MET D 100 12.51 16.93 -3.29
CA MET D 100 13.49 16.10 -2.61
C MET D 100 14.39 15.39 -3.60
N VAL D 101 15.57 14.99 -3.13
CA VAL D 101 16.44 14.07 -3.84
C VAL D 101 16.77 12.97 -2.83
N THR D 102 15.93 11.96 -2.74
CA THR D 102 16.11 10.92 -1.74
C THR D 102 17.17 9.94 -2.20
N SER D 103 18.20 9.78 -1.38
CA SER D 103 19.19 8.74 -1.61
C SER D 103 18.81 7.51 -0.82
N GLY D 104 19.67 6.49 -0.87
CA GLY D 104 19.46 5.29 -0.08
C GLY D 104 18.20 4.53 -0.44
N ALA D 105 18.16 3.96 -1.64
CA ALA D 105 17.11 3.04 -2.01
C ALA D 105 17.54 1.59 -1.99
N VAL D 106 18.85 1.33 -1.96
CA VAL D 106 19.36 -0.04 -1.88
C VAL D 106 19.06 -0.64 -0.52
N ALA D 107 19.03 0.18 0.52
CA ALA D 107 18.81 -0.34 1.87
C ALA D 107 17.42 -0.93 2.02
N PHE D 108 16.41 -0.24 1.48
CA PHE D 108 15.05 -0.75 1.58
C PHE D 108 14.91 -2.07 0.84
N GLY D 109 15.55 -2.20 -0.32
CA GLY D 109 15.47 -3.46 -1.05
C GLY D 109 16.19 -4.59 -0.34
N LYS D 110 17.36 -4.30 0.21
CA LYS D 110 18.09 -5.30 0.98
C LYS D 110 17.25 -5.82 2.13
N GLN D 111 16.63 -4.91 2.89
CA GLN D 111 15.83 -5.34 4.02
C GLN D 111 14.53 -6.00 3.58
N LYS D 112 13.97 -5.59 2.44
CA LYS D 112 12.74 -6.21 1.97
C LYS D 112 12.98 -7.63 1.52
N LEU D 113 14.14 -7.90 0.91
CA LEU D 113 14.44 -9.29 0.54
C LEU D 113 14.86 -10.08 1.78
N ALA D 114 16.05 -9.81 2.31
CA ALA D 114 16.51 -10.38 3.57
C ALA D 114 16.42 -11.90 3.66
N GLN D 115 15.81 -12.55 2.66
CA GLN D 115 15.65 -14.00 2.67
C GLN D 115 16.20 -14.62 1.39
N GLU D 116 15.82 -14.05 0.25
CA GLU D 116 16.27 -14.56 -1.03
C GLU D 116 17.72 -14.22 -1.31
N LEU D 117 18.26 -13.18 -0.67
CA LEU D 117 19.69 -12.94 -0.69
C LEU D 117 20.42 -13.90 0.24
N LEU D 118 19.81 -14.22 1.38
CA LEU D 118 20.43 -15.15 2.33
C LEU D 118 20.54 -16.54 1.72
N MET D 119 19.43 -17.10 1.26
CA MET D 119 19.44 -18.44 0.68
C MET D 119 20.28 -18.52 -0.59
N SER D 120 20.64 -17.39 -1.19
CA SER D 120 21.48 -17.39 -2.38
C SER D 120 22.95 -17.15 -2.08
N LEU D 121 23.26 -16.51 -0.95
CA LEU D 121 24.65 -16.29 -0.58
C LEU D 121 25.37 -17.58 -0.19
N SER D 122 24.66 -18.69 -0.04
CA SER D 122 25.28 -19.98 0.22
C SER D 122 25.41 -20.85 -1.03
N MET D 123 24.57 -20.62 -2.03
CA MET D 123 24.64 -21.36 -3.29
C MET D 123 25.36 -20.60 -4.39
N ARG D 124 25.70 -19.33 -4.17
CA ARG D 124 26.48 -18.59 -5.14
C ARG D 124 27.77 -18.07 -4.51
N PRO D 142 23.21 -6.44 -5.96
CA PRO D 142 23.02 -5.05 -5.51
C PRO D 142 22.02 -4.27 -6.36
N ARG D 143 22.11 -4.41 -7.69
CA ARG D 143 21.18 -3.68 -8.55
C ARG D 143 19.76 -4.19 -8.38
N ALA D 144 19.59 -5.50 -8.16
CA ALA D 144 18.26 -6.05 -7.91
C ALA D 144 17.68 -5.46 -6.63
N ALA D 145 18.49 -5.42 -5.57
CA ALA D 145 18.05 -4.78 -4.34
C ALA D 145 17.70 -3.33 -4.58
N ALA D 146 18.47 -2.64 -5.42
CA ALA D 146 18.18 -1.24 -5.71
C ALA D 146 16.83 -1.07 -6.38
N ALA D 147 16.50 -1.94 -7.33
CA ALA D 147 15.21 -1.84 -8.02
C ALA D 147 14.04 -2.11 -7.07
N VAL D 148 14.09 -3.25 -6.38
CA VAL D 148 13.02 -3.58 -5.44
C VAL D 148 12.87 -2.50 -4.39
N GLY D 149 14.00 -1.94 -3.93
CA GLY D 149 13.93 -0.90 -2.94
C GLY D 149 13.35 0.39 -3.46
N GLN D 150 13.67 0.75 -4.70
CA GLN D 150 13.08 1.95 -5.27
C GLN D 150 11.57 1.85 -5.26
N SER D 151 11.04 0.70 -5.70
CA SER D 151 9.60 0.53 -5.70
C SER D 151 9.02 0.67 -4.29
N GLY D 152 9.54 -0.12 -3.35
CA GLY D 152 8.98 -0.10 -2.00
C GLY D 152 9.11 1.24 -1.31
N LEU D 153 10.22 1.92 -1.54
CA LEU D 153 10.46 3.21 -0.89
C LEU D 153 9.55 4.27 -1.45
N MET D 154 9.26 4.22 -2.75
CA MET D 154 8.29 5.16 -3.28
C MET D 154 6.91 4.92 -2.68
N SER D 155 6.56 3.65 -2.45
CA SER D 155 5.29 3.38 -1.78
C SER D 155 5.26 3.98 -0.38
N LEU D 156 6.34 3.80 0.38
CA LEU D 156 6.36 4.29 1.76
C LEU D 156 6.34 5.81 1.81
N TYR D 157 7.09 6.46 0.91
CA TYR D 157 7.02 7.92 0.82
C TYR D 157 5.62 8.38 0.47
N ASP D 158 4.95 7.67 -0.43
CA ASP D 158 3.58 8.02 -0.78
C ASP D 158 2.70 8.02 0.45
N ALA D 159 2.80 6.97 1.28
CA ALA D 159 2.00 6.91 2.49
C ALA D 159 2.33 8.08 3.43
N MET D 160 3.61 8.21 3.79
CA MET D 160 3.99 9.20 4.79
C MET D 160 3.89 10.63 4.30
N PHE D 161 3.70 10.86 3.00
CA PHE D 161 3.48 12.21 2.50
C PHE D 161 2.00 12.51 2.37
N ALA D 162 1.23 11.59 1.79
CA ALA D 162 -0.22 11.77 1.77
C ALA D 162 -0.81 11.83 3.17
N GLN D 163 -0.05 11.45 4.19
CA GLN D 163 -0.52 11.73 5.55
C GLN D 163 -0.48 13.21 5.89
N TYR D 164 0.00 14.07 4.99
CA TYR D 164 -0.04 15.52 5.17
C TYR D 164 -0.85 16.22 4.09
N GLY D 165 -1.47 15.47 3.18
CA GLY D 165 -2.22 16.05 2.08
C GLY D 165 -1.46 16.15 0.77
N VAL D 166 -0.13 16.09 0.83
CA VAL D 166 0.67 16.25 -0.38
C VAL D 166 0.58 15.02 -1.26
N LYS D 167 0.92 15.19 -2.53
CA LYS D 167 1.11 14.10 -3.46
C LYS D 167 2.55 14.13 -3.96
N ILE D 168 3.08 12.97 -4.34
CA ILE D 168 4.44 12.85 -4.84
C ILE D 168 4.42 12.14 -6.18
N ALA D 169 5.56 12.16 -6.86
CA ALA D 169 5.66 11.64 -8.21
C ALA D 169 7.11 11.25 -8.47
N GLN D 170 7.40 9.96 -8.44
CA GLN D 170 8.76 9.49 -8.60
C GLN D 170 9.30 9.85 -9.96
N VAL D 171 10.35 10.66 -9.99
CA VAL D 171 11.07 10.99 -11.22
C VAL D 171 12.42 10.32 -11.12
N LEU D 172 12.78 9.54 -12.14
CA LEU D 172 14.03 8.80 -12.15
C LEU D 172 14.93 9.34 -13.25
N VAL D 173 16.08 9.89 -12.86
CA VAL D 173 17.06 10.44 -13.78
C VAL D 173 18.41 9.81 -13.50
N THR D 174 19.39 10.13 -14.34
CA THR D 174 20.77 9.80 -14.06
C THR D 174 21.66 10.88 -14.66
N LYS D 175 22.90 10.94 -14.18
CA LYS D 175 23.82 11.99 -14.59
C LYS D 175 23.95 12.14 -16.11
N PRO D 176 24.00 11.08 -16.92
CA PRO D 176 24.01 11.28 -18.37
C PRO D 176 22.76 11.95 -18.92
N ASP D 177 21.64 11.94 -18.18
CA ASP D 177 20.45 12.62 -18.67
C ASP D 177 20.56 14.13 -18.60
N PHE D 178 21.60 14.67 -17.96
CA PHE D 178 21.79 16.10 -17.85
C PHE D 178 22.82 16.64 -18.83
N TYR D 179 23.22 15.85 -19.82
CA TYR D 179 24.24 16.25 -20.77
C TYR D 179 23.71 16.48 -22.17
N ASN D 180 22.84 15.61 -22.67
CA ASN D 180 22.22 15.85 -23.96
C ASN D 180 21.11 16.89 -23.82
N GLU D 181 20.86 17.63 -24.89
CA GLU D 181 19.92 18.75 -24.82
C GLU D 181 18.48 18.28 -24.88
N GLU D 182 18.19 17.24 -25.66
CA GLU D 182 16.81 16.76 -25.77
C GLU D 182 16.31 16.24 -24.42
N THR D 183 17.11 15.39 -23.77
CA THR D 183 16.70 14.86 -22.48
C THR D 183 16.62 15.96 -21.43
N ARG D 184 17.52 16.96 -21.50
CA ARG D 184 17.44 18.06 -20.55
C ARG D 184 16.15 18.86 -20.72
N ASN D 185 15.78 19.14 -21.98
CA ASN D 185 14.53 19.83 -22.24
C ASN D 185 13.35 19.01 -21.73
N ASN D 186 13.34 17.71 -22.02
CA ASN D 186 12.24 16.85 -21.58
C ASN D 186 12.13 16.85 -20.06
N LEU D 187 13.26 16.71 -19.37
CA LEU D 187 13.24 16.64 -17.92
C LEU D 187 12.79 17.96 -17.31
N PHE D 188 13.25 19.09 -17.86
CA PHE D 188 12.80 20.37 -17.33
C PHE D 188 11.31 20.57 -17.54
N CYS D 189 10.80 20.16 -18.71
CA CYS D 189 9.37 20.27 -18.93
C CYS D 189 8.60 19.41 -17.95
N THR D 190 9.08 18.18 -17.70
CA THR D 190 8.43 17.32 -16.73
C THR D 190 8.40 17.96 -15.36
N LEU D 191 9.55 18.47 -14.90
CA LEU D 191 9.62 19.04 -13.56
C LEU D 191 8.77 20.29 -13.43
N SER D 192 8.68 21.12 -14.47
CA SER D 192 7.85 22.31 -14.38
C SER D 192 6.37 21.96 -14.40
N GLU D 193 5.98 20.99 -15.24
CA GLU D 193 4.59 20.54 -15.24
C GLU D 193 4.23 19.87 -13.93
N LEU D 194 5.21 19.32 -13.22
CA LEU D 194 4.93 18.68 -11.95
C LEU D 194 4.87 19.71 -10.82
N ILE D 195 5.72 20.73 -10.87
CA ILE D 195 5.69 21.77 -9.85
C ILE D 195 4.43 22.60 -9.96
N SER D 196 4.01 22.92 -11.19
CA SER D 196 2.81 23.73 -11.38
C SER D 196 1.54 22.98 -11.01
N LEU D 197 1.63 21.74 -10.56
CA LEU D 197 0.47 20.94 -10.20
C LEU D 197 0.37 20.69 -8.70
N ASN D 198 1.22 21.33 -7.90
CA ASN D 198 1.27 21.10 -6.46
C ASN D 198 1.60 19.63 -6.17
N ILE D 199 2.77 19.22 -6.65
CA ILE D 199 3.29 17.88 -6.44
C ILE D 199 4.75 18.01 -6.01
N VAL D 200 5.20 17.05 -5.21
CA VAL D 200 6.57 17.05 -4.72
C VAL D 200 7.35 15.95 -5.43
N PRO D 201 8.08 16.25 -6.49
CA PRO D 201 8.84 15.20 -7.18
C PRO D 201 9.97 14.68 -6.32
N ILE D 202 10.26 13.40 -6.47
CA ILE D 202 11.28 12.71 -5.69
C ILE D 202 12.26 12.12 -6.68
N ILE D 203 13.42 12.73 -6.81
CA ILE D 203 14.33 12.49 -7.92
C ILE D 203 15.41 11.52 -7.46
N ASN D 204 15.15 10.23 -7.60
CA ASN D 204 16.16 9.22 -7.38
C ASN D 204 17.01 9.04 -8.64
N THR D 205 18.15 8.37 -8.47
CA THR D 205 19.03 8.06 -9.59
C THR D 205 18.65 6.72 -10.19
N ASN D 206 18.71 6.63 -11.52
CA ASN D 206 18.38 5.37 -12.19
C ASN D 206 19.34 4.29 -11.74
N ASP D 207 18.82 3.27 -11.06
CA ASP D 207 19.68 2.23 -10.50
C ASP D 207 20.10 1.20 -11.54
N ALA D 208 19.24 0.89 -12.50
CA ALA D 208 19.52 -0.12 -13.50
C ALA D 208 20.44 0.35 -14.61
N VAL D 209 20.84 1.62 -14.61
CA VAL D 209 21.75 2.13 -15.62
C VAL D 209 22.88 2.84 -14.87
N SER D 210 23.15 2.38 -13.65
CA SER D 210 24.21 2.95 -12.84
C SER D 210 25.30 1.90 -12.62
N PRO D 211 26.57 2.20 -12.92
CA PRO D 211 27.70 1.29 -12.74
C PRO D 211 27.83 0.78 -11.30
N ASP D 232 27.40 8.97 -4.26
CA ASP D 232 26.48 9.37 -3.21
C ASP D 232 25.61 10.54 -3.64
N ASN D 233 25.09 10.44 -4.87
CA ASN D 233 24.22 11.43 -5.54
C ASN D 233 24.19 12.88 -5.02
N ASP D 234 25.36 13.51 -4.98
CA ASP D 234 25.49 14.89 -4.56
C ASP D 234 25.77 15.82 -5.74
N SER D 235 26.69 15.43 -6.62
CA SER D 235 26.89 16.17 -7.86
C SER D 235 25.60 16.24 -8.66
N LEU D 236 24.84 15.14 -8.66
CA LEU D 236 23.53 15.15 -9.31
C LEU D 236 22.62 16.20 -8.72
N SER D 237 22.59 16.30 -7.38
CA SER D 237 21.72 17.29 -6.75
C SER D 237 22.18 18.70 -7.09
N ALA D 238 23.48 18.95 -7.09
CA ALA D 238 23.98 20.27 -7.45
C ALA D 238 23.58 20.64 -8.88
N MET D 239 23.81 19.71 -9.82
CA MET D 239 23.48 19.99 -11.22
C MET D 239 21.97 20.16 -11.41
N LEU D 240 21.17 19.39 -10.69
CA LEU D 240 19.72 19.52 -10.77
C LEU D 240 19.26 20.87 -10.26
N ALA D 241 19.80 21.30 -9.12
CA ALA D 241 19.47 22.63 -8.63
C ALA D 241 19.91 23.70 -9.62
N ALA D 242 21.03 23.48 -10.29
CA ALA D 242 21.52 24.45 -11.27
C ALA D 242 20.54 24.57 -12.44
N GLU D 243 20.15 23.45 -13.02
CA GLU D 243 19.27 23.49 -14.20
C GLU D 243 17.94 24.15 -13.86
N VAL D 244 17.26 23.67 -12.81
CA VAL D 244 16.01 24.30 -12.38
C VAL D 244 16.22 25.68 -11.80
N GLN D 245 17.48 26.04 -11.48
CA GLN D 245 17.83 27.36 -10.96
C GLN D 245 17.04 27.68 -9.69
N ALA D 246 17.36 26.92 -8.64
CA ALA D 246 16.72 27.07 -7.35
C ALA D 246 17.42 28.11 -6.50
N ASP D 247 16.65 28.74 -5.62
CA ASP D 247 17.21 29.76 -4.74
C ASP D 247 18.14 29.14 -3.71
N LEU D 248 17.67 28.12 -3.00
CA LEU D 248 18.44 27.41 -2.00
C LEU D 248 18.80 26.03 -2.51
N LEU D 249 19.70 25.37 -1.79
CA LEU D 249 19.97 23.95 -2.02
C LEU D 249 20.43 23.38 -0.68
N ILE D 250 19.48 22.86 0.09
CA ILE D 250 19.82 22.24 1.36
C ILE D 250 20.42 20.88 1.06
N LEU D 251 21.55 20.58 1.69
CA LEU D 251 22.30 19.35 1.43
C LEU D 251 22.54 18.68 2.77
N MET D 252 21.55 17.94 3.26
CA MET D 252 21.68 17.26 4.52
C MET D 252 22.77 16.19 4.45
N SER D 253 23.40 15.93 5.59
CA SER D 253 24.50 14.99 5.63
C SER D 253 24.71 14.54 7.08
N ASP D 254 25.84 13.89 7.32
CA ASP D 254 26.18 13.35 8.63
C ASP D 254 27.10 14.26 9.43
N VAL D 255 28.09 14.87 8.80
CA VAL D 255 29.01 15.77 9.48
C VAL D 255 28.28 17.05 9.85
N ASP D 256 28.63 17.63 10.99
CA ASP D 256 27.96 18.83 11.46
C ASP D 256 28.14 20.02 10.52
N GLY D 257 29.17 20.00 9.69
CA GLY D 257 29.43 21.10 8.79
C GLY D 257 30.76 20.98 8.10
N ILE D 258 31.54 22.06 8.09
CA ILE D 258 32.87 22.08 7.50
C ILE D 258 33.83 22.67 8.52
N TYR D 259 34.86 21.91 8.85
CA TYR D 259 35.83 22.35 9.85
C TYR D 259 37.01 23.04 9.19
N ASN D 260 37.92 23.56 10.01
CA ASN D 260 39.13 24.18 9.50
C ASN D 260 40.24 23.18 9.27
N LYS D 261 40.23 22.08 10.00
CA LYS D 261 41.21 21.02 9.84
C LYS D 261 40.54 19.72 10.29
N PRO D 262 41.17 18.57 10.03
CA PRO D 262 40.64 17.31 10.55
C PRO D 262 40.39 17.39 12.04
N PRO D 263 39.39 16.66 12.55
CA PRO D 263 38.99 16.82 13.95
C PRO D 263 40.10 16.50 14.94
N TRP D 264 41.01 15.58 14.62
CA TRP D 264 42.09 15.23 15.52
C TRP D 264 43.24 16.24 15.40
N GLU D 265 42.91 17.49 15.73
CA GLU D 265 43.89 18.56 15.62
C GLU D 265 43.47 19.72 16.51
N ASP D 266 44.45 20.52 16.91
CA ASP D 266 44.20 21.69 17.75
C ASP D 266 43.70 22.84 16.88
N GLY D 267 42.48 23.30 17.16
CA GLY D 267 41.93 24.43 16.42
C GLY D 267 40.88 24.02 15.41
N ALA D 268 40.02 23.09 15.78
CA ALA D 268 38.96 22.61 14.89
C ALA D 268 37.81 23.62 14.84
N LYS D 269 38.13 24.82 14.37
CA LYS D 269 37.15 25.90 14.31
C LYS D 269 36.19 25.65 13.15
N LEU D 270 34.95 25.34 13.46
CA LEU D 270 33.93 25.17 12.44
C LEU D 270 33.68 26.50 11.73
N MET D 271 33.67 26.46 10.40
CA MET D 271 33.44 27.66 9.59
C MET D 271 32.00 27.66 9.11
N HIS D 272 31.16 28.44 9.79
CA HIS D 272 29.77 28.54 9.36
C HIS D 272 29.67 29.15 7.96
N THR D 273 30.11 30.39 7.81
CA THR D 273 30.17 30.97 6.48
C THR D 273 31.34 30.37 5.70
N TYR D 274 31.38 30.66 4.40
CA TYR D 274 32.47 30.19 3.55
C TYR D 274 32.83 31.27 2.56
N THR D 275 34.10 31.67 2.56
CA THR D 275 34.59 32.72 1.69
C THR D 275 34.51 32.30 0.22
N SER D 297 34.23 16.77 -3.11
CA SER D 297 32.95 16.17 -2.77
C SER D 297 31.89 17.24 -2.53
N LYS D 298 31.39 17.28 -1.29
CA LYS D 298 30.37 18.27 -0.95
C LYS D 298 30.89 19.69 -1.15
N VAL D 299 32.13 19.96 -0.75
CA VAL D 299 32.70 21.29 -0.89
C VAL D 299 32.80 21.68 -2.37
N LYS D 300 33.23 20.73 -3.20
CA LYS D 300 33.38 21.02 -4.62
C LYS D 300 32.03 21.28 -5.28
N ALA D 301 31.04 20.43 -4.97
CA ALA D 301 29.70 20.64 -5.51
C ALA D 301 29.12 21.95 -5.04
N ALA D 302 29.41 22.35 -3.80
CA ALA D 302 28.92 23.61 -3.29
C ALA D 302 29.56 24.78 -4.01
N THR D 303 30.87 24.72 -4.25
CA THR D 303 31.52 25.76 -5.04
C THR D 303 30.91 25.87 -6.43
N TRP D 304 30.72 24.72 -7.09
CA TRP D 304 30.07 24.69 -8.39
C TRP D 304 28.72 25.41 -8.36
N ALA D 305 27.82 24.95 -7.48
CA ALA D 305 26.49 25.53 -7.41
C ALA D 305 26.54 27.01 -7.04
N LEU D 306 27.57 27.43 -6.31
CA LEU D 306 27.74 28.84 -6.04
C LEU D 306 28.05 29.59 -7.33
N ASP D 307 28.95 29.06 -8.15
CA ASP D 307 29.24 29.69 -9.43
C ASP D 307 28.06 29.66 -10.38
N ARG D 308 27.11 28.76 -10.17
CA ARG D 308 25.95 28.65 -11.05
C ARG D 308 24.72 29.34 -10.48
N GLY D 309 24.88 30.15 -9.44
CA GLY D 309 23.78 30.93 -8.89
C GLY D 309 22.98 30.27 -7.81
N VAL D 310 23.54 29.30 -7.08
CA VAL D 310 22.83 28.55 -6.06
C VAL D 310 23.60 28.68 -4.75
N SER D 311 22.90 29.07 -3.68
CA SER D 311 23.50 29.24 -2.36
C SER D 311 23.34 27.93 -1.60
N VAL D 312 24.39 27.12 -1.61
CA VAL D 312 24.34 25.81 -0.96
C VAL D 312 24.40 25.98 0.55
N VAL D 313 23.77 25.04 1.25
CA VAL D 313 23.79 24.99 2.70
C VAL D 313 23.91 23.54 3.12
N ILE D 314 24.81 23.26 4.06
CA ILE D 314 25.10 21.89 4.49
C ILE D 314 24.79 21.79 5.97
N CYS D 315 23.69 21.13 6.32
CA CYS D 315 23.26 21.00 7.69
C CYS D 315 23.67 19.64 8.25
N ASN D 316 23.26 19.39 9.49
CA ASN D 316 23.44 18.09 10.13
C ASN D 316 22.09 17.41 10.20
N GLY D 317 22.04 16.17 9.73
CA GLY D 317 20.76 15.49 9.61
C GLY D 317 20.12 15.18 10.96
N MET D 318 20.91 14.65 11.88
CA MET D 318 20.36 14.17 13.15
C MET D 318 19.84 15.29 14.04
N GLN D 319 20.18 16.54 13.76
CA GLN D 319 19.71 17.65 14.58
C GLN D 319 18.22 17.86 14.37
N GLU D 320 17.46 17.89 15.47
CA GLU D 320 16.02 18.00 15.38
C GLU D 320 15.61 19.33 14.77
N LYS D 321 14.60 19.27 13.89
CA LYS D 321 14.05 20.45 13.22
C LYS D 321 15.14 21.23 12.49
N ALA D 322 15.79 20.54 11.57
CA ALA D 322 16.93 21.14 10.86
C ALA D 322 16.48 22.14 9.82
N ILE D 323 15.57 21.74 8.93
CA ILE D 323 15.17 22.60 7.83
C ILE D 323 14.48 23.86 8.34
N LYS D 324 13.54 23.69 9.27
CA LYS D 324 12.81 24.83 9.81
C LYS D 324 13.75 25.79 10.52
N THR D 325 14.85 25.28 11.07
CA THR D 325 15.83 26.15 11.70
C THR D 325 16.66 26.90 10.66
N ILE D 326 17.22 26.17 9.69
CA ILE D 326 18.15 26.80 8.74
C ILE D 326 17.41 27.80 7.86
N ILE D 327 16.14 27.56 7.56
CA ILE D 327 15.38 28.54 6.81
C ILE D 327 15.19 29.80 7.63
N GLY D 328 15.09 29.67 8.95
CA GLY D 328 14.83 30.82 9.79
C GLY D 328 16.00 31.78 9.88
N GLY D 329 17.21 31.25 10.12
CA GLY D 329 18.38 32.09 10.17
C GLY D 329 19.33 31.77 11.30
N ARG D 330 19.06 30.71 12.05
CA ARG D 330 19.96 30.34 13.14
C ARG D 330 21.30 29.88 12.59
N LYS D 331 22.35 30.05 13.40
CA LYS D 331 23.72 29.74 12.99
C LYS D 331 23.94 28.22 13.04
N VAL D 332 23.28 27.53 12.12
CA VAL D 332 23.36 26.08 12.01
C VAL D 332 23.92 25.71 10.64
N GLY D 333 24.60 24.57 10.60
CA GLY D 333 25.07 24.05 9.34
C GLY D 333 26.21 24.88 8.77
N THR D 334 26.14 25.14 7.47
CA THR D 334 27.18 25.86 6.76
C THR D 334 26.52 26.65 5.64
N PHE D 335 27.15 27.75 5.24
CA PHE D 335 26.54 28.66 4.28
C PHE D 335 27.61 29.16 3.32
N PHE D 336 27.39 28.97 2.03
CA PHE D 336 28.40 29.23 1.01
C PHE D 336 27.99 30.45 0.19
N THR D 337 28.75 31.54 0.32
CA THR D 337 28.51 32.76 -0.43
C THR D 337 29.70 33.68 -0.25
N GLU D 338 30.10 34.35 -1.33
CA GLU D 338 31.16 35.34 -1.29
C GLU D 338 30.70 36.58 -0.52
#